data_2H2Q
#
_entry.id   2H2Q
#
_cell.length_a   88.681
_cell.length_b   137.250
_cell.length_c   189.270
_cell.angle_alpha   90.00
_cell.angle_beta   90.00
_cell.angle_gamma   90.00
#
_symmetry.space_group_name_H-M   'C 2 2 21'
#
loop_
_entity.id
_entity.type
_entity.pdbx_description
1 polymer 'Bifunctional dihydrofolate reductase-thymidylate synthase'
2 non-polymer 'NADP NICOTINAMIDE-ADENINE-DINUCLEOTIDE PHOSPHATE'
3 non-polymer "2'-DEOXYURIDINE-5'-MONOPHOSPHATE"
4 water water
#
_entity_poly.entity_id   1
_entity_poly.type   'polypeptide(L)'
_entity_poly.pdbx_seq_one_letter_code
;MSLFKIRMPETVAEGTRLALRAFSLVVAVDERGGIGDGRSIPWNVPEDMKFFRDVTTKLRGKNVKPSPAKRNAVVMGRKT
WDSIPPKFRPLPGRLNVVLSSTLTTQHLLDGLPDEEKRNLHADSIVAVNGGLEQALQLLASPNYTPSIETVYCIGGGSVY
AEALRPPCVHLLQAIYRTTIRASESSCSVFFRVPESGTEAAAGIEWQRETISEELTSANGNETKYYFEKLIPRNREEEQY
LSLVDRIIREGNVKHDRTGVGTLSIFGAQMRFSLRNNRLPLLTTKRVFWRGVCEELLWFLRGETYAKKLSDKGVHIWDDN
GSRAFLDSRGLTEYEEMDLGPVYGFQWRHFGAAYTHHDANYDGQGVDQIKAIVETLKTNPDDRRMLFTAWNPSALPRMAL
PPCHLLAQFYVSNGELSCMLYQRSCDMGLGVPFNIASYALLTILIAKATGLRPGELVHTLGDAHVYSNHVEPCNEQLKRV
PRAFPYLVFRREREFLEDYEEGDMEVIDYAPYPPISMKMAV
;
_entity_poly.pdbx_strand_id   A,B
#
loop_
_chem_comp.id
_chem_comp.type
_chem_comp.name
_chem_comp.formula
DU DNA linking 2'-DEOXYURIDINE-5'-MONOPHOSPHATE 'C9 H13 N2 O8 P'
NAP non-polymer 'NADP NICOTINAMIDE-ADENINE-DINUCLEOTIDE PHOSPHATE' 'C21 H28 N7 O17 P3'
#
# COMPACT_ATOMS: atom_id res chain seq x y z
N SER A 2 -33.36 7.78 -32.10
CA SER A 2 -33.35 6.82 -30.96
C SER A 2 -32.62 5.53 -31.33
N LEU A 3 -32.86 5.04 -32.54
CA LEU A 3 -32.22 3.84 -33.05
C LEU A 3 -30.73 4.08 -33.29
N PHE A 4 -30.37 5.35 -33.47
CA PHE A 4 -28.99 5.76 -33.73
C PHE A 4 -28.21 6.05 -32.44
N LYS A 5 -28.94 6.21 -31.34
CA LYS A 5 -28.36 6.48 -30.02
C LYS A 5 -27.85 5.21 -29.36
N ILE A 6 -27.03 5.38 -28.32
CA ILE A 6 -26.50 4.24 -27.57
C ILE A 6 -27.32 4.04 -26.30
N ARG A 7 -28.05 2.92 -26.25
CA ARG A 7 -28.90 2.62 -25.11
C ARG A 7 -28.08 2.10 -23.93
N MET A 8 -28.25 2.74 -22.78
CA MET A 8 -27.57 2.36 -21.55
C MET A 8 -28.13 1.03 -21.03
N PRO A 9 -27.24 0.16 -20.51
CA PRO A 9 -27.68 -1.16 -20.04
C PRO A 9 -28.42 -1.04 -18.70
N GLU A 10 -29.03 -2.14 -18.25
CA GLU A 10 -29.81 -2.13 -17.00
C GLU A 10 -28.92 -1.92 -15.77
N THR A 11 -27.61 -2.04 -15.97
CA THR A 11 -26.62 -1.90 -14.89
C THR A 11 -25.90 -0.55 -14.89
N VAL A 12 -26.57 0.50 -15.39
CA VAL A 12 -25.97 1.85 -15.53
C VAL A 12 -25.30 2.38 -14.24
N ALA A 13 -26.09 2.48 -13.18
CA ALA A 13 -25.66 3.06 -11.90
C ALA A 13 -24.76 2.11 -11.09
N GLU A 14 -24.79 0.83 -11.45
CA GLU A 14 -23.92 -0.19 -10.87
C GLU A 14 -22.51 -0.03 -11.44
N GLY A 15 -21.50 -0.12 -10.58
CA GLY A 15 -20.11 0.03 -11.02
C GLY A 15 -19.69 1.49 -11.20
N THR A 16 -20.64 2.40 -10.97
CA THR A 16 -20.35 3.83 -10.94
C THR A 16 -20.79 4.45 -9.61
N ARG A 17 -21.64 3.73 -8.87
CA ARG A 17 -22.13 4.22 -7.58
C ARG A 17 -21.04 4.26 -6.53
N LEU A 18 -21.00 5.37 -5.78
CA LEU A 18 -20.01 5.59 -4.75
C LEU A 18 -20.26 4.65 -3.57
N ALA A 19 -19.26 3.85 -3.25
CA ALA A 19 -19.33 2.99 -2.08
C ALA A 19 -19.07 3.79 -0.80
N LEU A 20 -18.06 4.67 -0.84
CA LEU A 20 -17.68 5.47 0.32
C LEU A 20 -17.33 6.90 -0.07
N ARG A 21 -17.76 7.86 0.74
CA ARG A 21 -17.40 9.27 0.54
C ARG A 21 -15.99 9.54 1.06
N ALA A 22 -15.23 10.34 0.32
CA ALA A 22 -13.91 10.80 0.77
C ALA A 22 -14.01 11.68 2.03
N PHE A 23 -12.94 11.72 2.81
CA PHE A 23 -12.92 12.44 4.09
C PHE A 23 -11.53 12.87 4.51
N SER A 24 -11.50 13.83 5.43
CA SER A 24 -10.29 14.31 6.08
C SER A 24 -10.36 14.01 7.58
N LEU A 25 -9.20 14.04 8.23
CA LEU A 25 -9.08 13.63 9.62
C LEU A 25 -8.43 14.72 10.46
N VAL A 26 -9.03 15.01 11.61
CA VAL A 26 -8.51 16.01 12.56
C VAL A 26 -8.23 15.34 13.89
N VAL A 27 -7.03 15.56 14.42
CA VAL A 27 -6.59 14.91 15.65
C VAL A 27 -5.52 15.74 16.36
N ALA A 28 -5.50 15.63 17.69
CA ALA A 28 -4.42 16.18 18.52
C ALA A 28 -3.76 15.02 19.28
N VAL A 29 -2.43 15.00 19.26
CA VAL A 29 -1.67 13.93 19.92
C VAL A 29 -0.59 14.50 20.85
N ASP A 30 -0.19 13.72 21.85
CA ASP A 30 1.05 14.00 22.57
C ASP A 30 2.21 13.36 21.80
N GLU A 31 3.44 13.61 22.25
CA GLU A 31 4.61 13.11 21.54
C GLU A 31 4.80 11.60 21.62
N ARG A 32 4.12 10.97 22.58
CA ARG A 32 4.06 9.51 22.66
C ARG A 32 2.92 8.95 21.78
N GLY A 33 2.24 9.84 21.08
CA GLY A 33 1.15 9.46 20.16
C GLY A 33 -0.21 9.20 20.80
N GLY A 34 -0.35 9.58 22.06
CA GLY A 34 -1.60 9.38 22.79
C GLY A 34 -2.62 10.48 22.53
N ILE A 35 -3.90 10.09 22.55
CA ILE A 35 -5.00 11.02 22.25
C ILE A 35 -5.95 11.30 23.41
N GLY A 36 -6.18 10.29 24.25
CA GLY A 36 -7.08 10.42 25.40
C GLY A 36 -6.87 9.33 26.44
N ASP A 37 -7.72 9.33 27.47
CA ASP A 37 -7.64 8.33 28.54
C ASP A 37 -8.73 7.27 28.39
N GLY A 38 -9.50 7.35 27.31
CA GLY A 38 -10.62 6.44 27.08
C GLY A 38 -11.96 7.11 27.35
N ARG A 39 -11.91 8.30 27.95
CA ARG A 39 -13.12 9.04 28.30
C ARG A 39 -13.03 10.51 27.90
N SER A 40 -11.87 11.12 28.14
CA SER A 40 -11.63 12.54 27.82
C SER A 40 -10.22 12.80 27.27
N ILE A 41 -9.88 14.07 27.11
CA ILE A 41 -8.55 14.50 26.63
C ILE A 41 -7.79 15.24 27.75
N PRO A 42 -6.63 14.69 28.18
CA PRO A 42 -5.92 15.15 29.38
C PRO A 42 -5.00 16.38 29.19
N TRP A 43 -5.37 17.28 28.28
CA TRP A 43 -4.71 18.58 28.15
C TRP A 43 -5.70 19.62 27.67
N ASN A 44 -5.34 20.89 27.80
CA ASN A 44 -6.20 21.98 27.36
C ASN A 44 -5.45 23.09 26.63
N VAL A 45 -5.45 23.00 25.31
CA VAL A 45 -4.86 24.03 24.45
C VAL A 45 -5.98 24.70 23.65
N PRO A 46 -6.48 25.86 24.15
CA PRO A 46 -7.56 26.60 23.50
C PRO A 46 -7.27 26.96 22.04
N GLU A 47 -5.99 27.15 21.72
CA GLU A 47 -5.57 27.47 20.35
C GLU A 47 -5.84 26.31 19.39
N ASP A 48 -5.68 25.09 19.89
CA ASP A 48 -5.96 23.89 19.11
C ASP A 48 -7.46 23.69 18.95
N MET A 49 -8.20 24.01 20.00
CA MET A 49 -9.67 23.95 19.97
C MET A 49 -10.22 24.94 18.95
N LYS A 50 -9.54 26.07 18.78
CA LYS A 50 -9.91 27.06 17.77
C LYS A 50 -9.63 26.52 16.37
N PHE A 51 -8.45 25.95 16.18
CA PHE A 51 -8.08 25.37 14.88
C PHE A 51 -9.03 24.24 14.50
N PHE A 52 -9.35 23.37 15.46
CA PHE A 52 -10.31 22.28 15.25
C PHE A 52 -11.66 22.85 14.79
N ARG A 53 -12.10 23.93 15.44
CA ARG A 53 -13.35 24.58 15.10
C ARG A 53 -13.33 25.10 13.67
N ASP A 54 -12.30 25.88 13.34
CA ASP A 54 -12.21 26.54 12.04
C ASP A 54 -12.06 25.55 10.87
N VAL A 55 -11.16 24.58 11.01
CA VAL A 55 -10.90 23.63 9.93
C VAL A 55 -12.14 22.78 9.61
N THR A 56 -12.89 22.40 10.65
CA THR A 56 -14.09 21.59 10.45
C THR A 56 -15.30 22.42 10.06
N THR A 57 -15.31 23.70 10.43
CA THR A 57 -16.46 24.57 10.21
C THR A 57 -16.44 25.27 8.84
N LYS A 58 -15.28 25.83 8.50
CA LYS A 58 -15.16 26.67 7.31
C LYS A 58 -15.30 25.90 5.99
N LEU A 59 -15.98 26.53 5.03
CA LEU A 59 -16.10 26.00 3.69
C LEU A 59 -14.94 26.54 2.84
N ARG A 60 -14.71 25.92 1.70
CA ARG A 60 -13.64 26.35 0.80
C ARG A 60 -13.97 27.69 0.15
N GLY A 61 -12.95 28.51 -0.05
CA GLY A 61 -13.11 29.75 -0.81
C GLY A 61 -13.35 31.02 0.00
N LYS A 62 -14.28 31.84 -0.50
CA LYS A 62 -14.46 33.20 0.01
C LYS A 62 -15.92 33.54 0.35
N ASN A 63 -16.08 34.29 1.45
CA ASN A 63 -17.40 34.79 1.94
C ASN A 63 -18.45 33.68 2.13
N VAL A 64 -17.97 32.52 2.58
CA VAL A 64 -18.81 31.33 2.74
C VAL A 64 -19.76 31.38 3.93
N LYS A 65 -20.86 30.63 3.85
CA LYS A 65 -21.85 30.53 4.92
C LYS A 65 -22.38 29.09 5.00
N PRO A 66 -22.05 28.37 6.08
CA PRO A 66 -22.56 27.01 6.28
C PRO A 66 -24.10 26.98 6.33
N SER A 67 -24.69 25.95 5.71
CA SER A 67 -26.13 25.84 5.54
C SER A 67 -26.56 24.38 5.39
N PRO A 68 -27.87 24.08 5.63
CA PRO A 68 -28.40 22.72 5.39
C PRO A 68 -28.13 22.18 3.98
N ALA A 69 -28.11 23.07 2.98
CA ALA A 69 -27.82 22.68 1.59
C ALA A 69 -26.32 22.51 1.31
N LYS A 70 -25.49 23.29 2.01
CA LYS A 70 -24.03 23.22 1.86
C LYS A 70 -23.30 23.49 3.19
N ARG A 71 -22.71 22.43 3.75
CA ARG A 71 -22.01 22.48 5.03
C ARG A 71 -21.00 21.33 5.12
N ASN A 72 -20.12 21.39 6.11
CA ASN A 72 -19.24 20.27 6.42
C ASN A 72 -19.92 19.26 7.34
N ALA A 73 -19.45 18.02 7.31
CA ALA A 73 -19.94 17.00 8.22
C ALA A 73 -18.80 16.51 9.10
N VAL A 74 -19.15 16.13 10.32
CA VAL A 74 -18.19 15.68 11.31
C VAL A 74 -18.65 14.32 11.83
N VAL A 75 -17.80 13.30 11.69
CA VAL A 75 -18.11 11.92 12.10
C VAL A 75 -17.33 11.53 13.37
N MET A 76 -18.05 11.08 14.40
CA MET A 76 -17.45 10.71 15.67
C MET A 76 -18.03 9.42 16.27
N GLY A 77 -17.31 8.84 17.24
CA GLY A 77 -17.81 7.71 18.01
C GLY A 77 -18.67 8.16 19.18
N ARG A 78 -19.46 7.23 19.72
CA ARG A 78 -20.39 7.57 20.81
C ARG A 78 -19.70 8.20 22.01
N LYS A 79 -18.55 7.63 22.38
CA LYS A 79 -17.77 8.11 23.53
C LYS A 79 -17.21 9.52 23.32
N THR A 80 -16.92 9.87 22.06
CA THR A 80 -16.51 11.22 21.68
C THR A 80 -17.68 12.22 21.78
N TRP A 81 -18.88 11.76 21.40
CA TRP A 81 -20.10 12.55 21.56
C TRP A 81 -20.36 12.86 23.03
N ASP A 82 -20.19 11.85 23.88
CA ASP A 82 -20.40 12.00 25.33
C ASP A 82 -19.38 12.89 26.01
N SER A 83 -18.21 13.06 25.38
CA SER A 83 -17.15 13.90 25.91
C SER A 83 -17.38 15.39 25.65
N ILE A 84 -18.28 15.69 24.71
CA ILE A 84 -18.67 17.07 24.46
C ILE A 84 -19.73 17.45 25.49
N PRO A 85 -19.51 18.54 26.25
CA PRO A 85 -20.53 19.00 27.20
C PRO A 85 -21.86 19.29 26.50
N PRO A 86 -22.98 18.75 27.06
CA PRO A 86 -24.34 18.81 26.48
C PRO A 86 -24.80 20.18 25.96
N LYS A 87 -24.25 21.25 26.51
CA LYS A 87 -24.56 22.62 26.07
C LYS A 87 -23.83 22.94 24.76
N PHE A 88 -22.62 22.41 24.63
CA PHE A 88 -21.77 22.62 23.46
C PHE A 88 -22.09 21.68 22.29
N ARG A 89 -22.94 20.68 22.54
CA ARG A 89 -23.34 19.75 21.48
C ARG A 89 -24.79 19.97 21.04
N PRO A 90 -25.09 19.72 19.75
CA PRO A 90 -24.15 19.27 18.72
C PRO A 90 -23.15 20.36 18.32
N LEU A 91 -22.07 19.96 17.66
CA LEU A 91 -21.11 20.89 17.09
C LEU A 91 -21.80 21.80 16.08
N PRO A 92 -21.85 23.11 16.36
CA PRO A 92 -22.62 24.07 15.56
C PRO A 92 -22.03 24.34 14.17
N GLY A 93 -22.91 24.45 13.19
CA GLY A 93 -22.53 24.75 11.81
C GLY A 93 -22.02 23.55 11.03
N ARG A 94 -22.24 22.36 11.58
CA ARG A 94 -21.75 21.11 10.99
C ARG A 94 -22.74 19.99 11.24
N LEU A 95 -22.84 19.06 10.29
CA LEU A 95 -23.65 17.85 10.49
C LEU A 95 -22.88 16.88 11.38
N ASN A 96 -23.47 16.54 12.53
CA ASN A 96 -22.86 15.65 13.48
C ASN A 96 -23.30 14.21 13.22
N VAL A 97 -22.35 13.38 12.83
CA VAL A 97 -22.62 11.97 12.56
C VAL A 97 -22.01 11.13 13.68
N VAL A 98 -22.86 10.45 14.43
CA VAL A 98 -22.41 9.70 15.60
C VAL A 98 -22.52 8.20 15.32
N LEU A 99 -21.44 7.48 15.60
CA LEU A 99 -21.42 6.03 15.44
C LEU A 99 -21.80 5.38 16.77
N SER A 100 -22.76 4.47 16.74
CA SER A 100 -23.22 3.79 17.94
C SER A 100 -24.16 2.64 17.66
N SER A 101 -24.01 1.56 18.42
CA SER A 101 -24.94 0.43 18.39
C SER A 101 -25.98 0.57 19.50
N THR A 102 -25.66 1.36 20.52
CA THR A 102 -26.56 1.60 21.65
C THR A 102 -27.66 2.59 21.31
N LEU A 103 -27.25 3.80 20.89
CA LEU A 103 -28.16 4.93 20.80
C LEU A 103 -28.65 5.18 19.38
N THR A 104 -29.92 5.55 19.26
CA THR A 104 -30.52 5.96 17.99
C THR A 104 -30.36 7.47 17.84
N THR A 105 -30.88 8.03 16.74
CA THR A 105 -30.87 9.48 16.52
C THR A 105 -31.75 10.23 17.53
N GLN A 106 -32.85 9.59 17.93
CA GLN A 106 -33.78 10.12 18.93
C GLN A 106 -33.16 10.10 20.33
N HIS A 107 -32.36 9.03 20.59
CA HIS A 107 -31.64 8.91 21.87
C HIS A 107 -30.63 10.04 22.06
N LEU A 108 -29.97 10.42 20.96
CA LEU A 108 -28.98 11.49 20.98
C LEU A 108 -29.63 12.84 21.24
N LEU A 109 -30.82 13.02 20.69
CA LEU A 109 -31.61 14.23 20.92
C LEU A 109 -32.17 14.25 22.34
N ASP A 110 -32.51 13.07 22.85
CA ASP A 110 -33.03 12.93 24.21
C ASP A 110 -31.97 13.31 25.24
N GLY A 111 -30.70 13.31 24.81
CA GLY A 111 -29.61 13.72 25.67
C GLY A 111 -29.33 15.21 25.59
N LEU A 112 -30.21 15.94 24.91
CA LEU A 112 -30.13 17.39 24.85
C LEU A 112 -30.99 18.04 25.94
N PRO A 113 -30.47 19.09 26.60
CA PRO A 113 -31.11 19.77 27.74
C PRO A 113 -32.62 20.01 27.61
N ASP A 114 -33.06 20.62 26.51
CA ASP A 114 -34.47 20.99 26.34
C ASP A 114 -35.02 20.74 24.93
N GLU A 115 -36.34 20.86 24.79
CA GLU A 115 -37.05 20.65 23.52
C GLU A 115 -36.66 21.67 22.45
N GLU A 116 -36.51 22.94 22.87
CA GLU A 116 -36.08 24.01 21.98
C GLU A 116 -34.80 23.65 21.23
N LYS A 117 -33.86 23.05 21.95
CA LYS A 117 -32.58 22.63 21.39
C LYS A 117 -32.76 21.44 20.45
N ARG A 118 -33.70 20.56 20.79
CA ARG A 118 -34.03 19.40 19.96
C ARG A 118 -34.69 19.79 18.64
N ASN A 119 -35.65 20.71 18.71
CA ASN A 119 -36.38 21.18 17.53
C ASN A 119 -35.48 21.96 16.58
N LEU A 120 -34.58 22.76 17.14
CA LEU A 120 -33.65 23.57 16.36
C LEU A 120 -32.59 22.72 15.68
N HIS A 121 -31.94 21.85 16.44
CA HIS A 121 -30.83 21.04 15.94
C HIS A 121 -31.25 19.66 15.41
N ALA A 122 -32.50 19.54 14.96
CA ALA A 122 -33.04 18.29 14.43
C ALA A 122 -32.34 17.86 13.14
N ASP A 123 -32.05 18.82 12.27
CA ASP A 123 -31.44 18.56 10.97
C ASP A 123 -29.92 18.38 11.01
N SER A 124 -29.33 18.56 12.19
CA SER A 124 -27.87 18.61 12.33
C SER A 124 -27.28 17.44 13.14
N ILE A 125 -28.09 16.40 13.36
CA ILE A 125 -27.66 15.23 14.11
C ILE A 125 -28.20 13.94 13.51
N VAL A 126 -27.28 13.00 13.24
CA VAL A 126 -27.60 11.70 12.67
C VAL A 126 -26.80 10.60 13.37
N ALA A 127 -27.47 9.50 13.70
CA ALA A 127 -26.81 8.33 14.27
C ALA A 127 -26.65 7.23 13.22
N VAL A 128 -25.47 6.61 13.21
CA VAL A 128 -25.19 5.47 12.33
C VAL A 128 -24.91 4.23 13.17
N ASN A 129 -25.68 3.17 12.93
CA ASN A 129 -25.43 1.87 13.57
C ASN A 129 -24.39 1.08 12.78
N GLY A 130 -23.13 1.43 12.98
CA GLY A 130 -22.00 0.77 12.32
C GLY A 130 -20.71 1.49 12.65
N GLY A 131 -19.72 1.33 11.78
CA GLY A 131 -18.44 2.03 11.91
C GLY A 131 -18.31 3.20 10.95
N LEU A 132 -17.09 3.70 10.78
CA LEU A 132 -16.82 4.84 9.90
C LEU A 132 -17.13 4.48 8.44
N GLU A 133 -16.87 3.23 8.09
CA GLU A 133 -17.19 2.70 6.76
C GLU A 133 -18.68 2.82 6.46
N GLN A 134 -19.51 2.39 7.41
CA GLN A 134 -20.97 2.51 7.31
C GLN A 134 -21.41 3.99 7.21
N ALA A 135 -20.72 4.87 7.95
CA ALA A 135 -20.97 6.30 7.89
C ALA A 135 -20.61 6.90 6.54
N LEU A 136 -19.48 6.44 5.97
CA LEU A 136 -19.04 6.89 4.65
C LEU A 136 -19.97 6.37 3.54
N GLN A 137 -20.52 5.17 3.75
CA GLN A 137 -21.59 4.63 2.89
C GLN A 137 -22.83 5.52 2.92
N LEU A 138 -23.24 5.91 4.13
CA LEU A 138 -24.40 6.81 4.30
C LEU A 138 -24.11 8.21 3.76
N LEU A 139 -22.94 8.75 4.06
CA LEU A 139 -22.55 10.06 3.55
C LEU A 139 -22.31 10.03 2.03
N ALA A 140 -22.23 8.82 1.47
CA ALA A 140 -22.17 8.64 0.01
C ALA A 140 -23.56 8.70 -0.65
N SER A 141 -24.61 8.70 0.16
CA SER A 141 -26.00 8.81 -0.32
C SER A 141 -26.32 10.17 -0.95
N PRO A 142 -27.23 10.18 -1.95
CA PRO A 142 -27.70 11.42 -2.60
C PRO A 142 -28.15 12.52 -1.62
N ASN A 143 -28.68 12.11 -0.47
CA ASN A 143 -29.10 13.03 0.60
C ASN A 143 -27.96 13.88 1.15
N TYR A 144 -26.75 13.30 1.15
CA TYR A 144 -25.58 13.91 1.78
C TYR A 144 -24.49 14.27 0.76
N THR A 145 -24.43 13.49 -0.32
CA THR A 145 -23.53 13.77 -1.44
C THR A 145 -24.35 14.32 -2.60
N PRO A 146 -24.01 15.52 -3.09
CA PRO A 146 -22.86 16.34 -2.74
C PRO A 146 -23.15 17.54 -1.82
N SER A 147 -24.23 17.47 -1.02
CA SER A 147 -24.57 18.56 -0.07
C SER A 147 -23.46 18.83 0.95
N ILE A 148 -22.84 17.76 1.44
CA ILE A 148 -21.70 17.86 2.35
C ILE A 148 -20.44 18.13 1.55
N GLU A 149 -19.86 19.31 1.75
CA GLU A 149 -18.64 19.70 1.04
C GLU A 149 -17.44 18.86 1.46
N THR A 150 -17.15 18.82 2.75
CA THR A 150 -16.07 18.01 3.30
C THR A 150 -16.54 17.27 4.55
N VAL A 151 -16.27 15.97 4.58
CA VAL A 151 -16.46 15.13 5.76
C VAL A 151 -15.18 15.19 6.60
N TYR A 152 -15.33 15.31 7.92
CA TYR A 152 -14.19 15.25 8.83
C TYR A 152 -14.37 14.15 9.88
N CYS A 153 -13.39 13.26 9.96
CA CYS A 153 -13.33 12.25 11.01
C CYS A 153 -12.65 12.87 12.24
N ILE A 154 -13.32 12.77 13.38
CA ILE A 154 -12.82 13.42 14.59
C ILE A 154 -12.90 12.48 15.79
N GLY A 155 -12.96 11.17 15.50
CA GLY A 155 -14.00 10.32 16.04
C GLY A 155 -13.54 9.52 17.24
N GLY A 156 -12.23 9.49 17.46
CA GLY A 156 -11.66 8.79 18.59
C GLY A 156 -11.11 7.43 18.21
N GLY A 157 -10.40 6.81 19.15
CA GLY A 157 -9.40 5.82 18.81
C GLY A 157 -9.92 4.76 17.85
N SER A 158 -11.08 4.19 18.17
CA SER A 158 -11.69 3.17 17.32
C SER A 158 -11.98 3.66 15.90
N VAL A 159 -12.54 4.85 15.80
CA VAL A 159 -12.85 5.48 14.50
C VAL A 159 -11.57 5.90 13.78
N TYR A 160 -10.62 6.47 14.53
CA TYR A 160 -9.31 6.80 13.97
C TYR A 160 -8.64 5.55 13.39
N ALA A 161 -8.69 4.45 14.14
CA ALA A 161 -8.09 3.18 13.71
C ALA A 161 -8.74 2.65 12.43
N GLU A 162 -10.05 2.83 12.32
CA GLU A 162 -10.80 2.41 11.14
C GLU A 162 -10.44 3.30 9.95
N ALA A 163 -10.28 4.59 10.21
CA ALA A 163 -9.86 5.57 9.21
C ALA A 163 -8.51 5.26 8.60
N LEU A 164 -7.58 4.80 9.43
CA LEU A 164 -6.19 4.54 8.99
C LEU A 164 -5.95 3.13 8.46
N ARG A 165 -7.03 2.39 8.21
CA ARG A 165 -6.93 1.05 7.62
C ARG A 165 -7.91 0.86 6.46
N PRO A 166 -7.54 0.02 5.47
CA PRO A 166 -8.45 -0.21 4.34
C PRO A 166 -9.80 -0.85 4.76
N PRO A 167 -10.89 -0.55 4.03
CA PRO A 167 -10.96 0.29 2.83
C PRO A 167 -10.93 1.82 3.05
N CYS A 168 -11.21 2.27 4.28
CA CYS A 168 -11.40 3.71 4.56
C CYS A 168 -10.19 4.61 4.27
N VAL A 169 -8.99 4.11 4.52
CA VAL A 169 -7.76 4.91 4.36
C VAL A 169 -7.52 5.35 2.91
N HIS A 170 -8.07 4.60 1.96
CA HIS A 170 -7.98 4.94 0.55
C HIS A 170 -8.85 6.16 0.18
N LEU A 171 -9.80 6.49 1.06
CA LEU A 171 -10.67 7.65 0.87
C LEU A 171 -10.20 8.86 1.70
N LEU A 172 -9.10 8.70 2.42
CA LEU A 172 -8.57 9.74 3.30
C LEU A 172 -7.71 10.76 2.55
N GLN A 173 -8.21 11.99 2.45
CA GLN A 173 -7.59 13.03 1.61
C GLN A 173 -6.54 13.85 2.34
N ALA A 174 -6.70 13.98 3.66
CA ALA A 174 -5.86 14.87 4.46
C ALA A 174 -5.96 14.54 5.94
N ILE A 175 -4.81 14.57 6.62
CA ILE A 175 -4.73 14.43 8.07
C ILE A 175 -4.23 15.75 8.65
N TYR A 176 -5.06 16.36 9.49
CA TYR A 176 -4.67 17.58 10.17
C TYR A 176 -4.28 17.17 11.58
N ARG A 177 -3.00 17.22 11.88
CA ARG A 177 -2.50 16.72 13.14
C ARG A 177 -1.81 17.78 13.98
N THR A 178 -2.37 18.02 15.17
CA THR A 178 -1.76 18.89 16.16
C THR A 178 -0.99 18.02 17.16
N THR A 179 0.27 18.37 17.41
CA THR A 179 1.08 17.66 18.39
C THR A 179 1.28 18.55 19.61
N ILE A 180 0.89 18.03 20.77
CA ILE A 180 1.08 18.71 22.04
C ILE A 180 2.41 18.26 22.64
N ARG A 181 3.30 19.22 22.89
CA ARG A 181 4.62 18.93 23.46
C ARG A 181 4.51 18.58 24.95
N ALA A 182 4.18 17.32 25.21
CA ALA A 182 4.06 16.76 26.55
C ALA A 182 4.11 15.25 26.41
N SER A 183 4.58 14.56 27.45
CA SER A 183 4.56 13.09 27.48
C SER A 183 3.58 12.58 28.54
N GLU A 184 2.31 12.54 28.16
CA GLU A 184 1.23 12.19 29.09
C GLU A 184 1.13 10.69 29.34
N SER A 185 1.35 10.32 30.60
CA SER A 185 1.24 8.92 31.04
C SER A 185 -0.23 8.53 31.17
N SER A 186 -1.09 9.54 31.34
CA SER A 186 -2.52 9.34 31.51
C SER A 186 -3.23 8.81 30.25
N CYS A 187 -2.55 8.87 29.11
CA CYS A 187 -3.09 8.37 27.84
C CYS A 187 -3.12 6.84 27.73
N SER A 188 -4.28 6.31 27.37
CA SER A 188 -4.46 4.88 27.13
C SER A 188 -4.82 4.58 25.68
N VAL A 189 -5.29 5.61 24.98
CA VAL A 189 -5.67 5.49 23.57
C VAL A 189 -4.62 6.18 22.69
N PHE A 190 -4.19 5.51 21.63
CA PHE A 190 -3.10 5.99 20.78
C PHE A 190 -3.49 6.19 19.31
N PHE A 191 -2.73 7.04 18.62
CA PHE A 191 -2.93 7.34 17.20
C PHE A 191 -1.58 7.36 16.49
N ARG A 192 -1.49 6.67 15.37
CA ARG A 192 -0.29 6.65 14.54
C ARG A 192 -0.64 6.61 13.06
N VAL A 193 0.12 7.34 12.25
CA VAL A 193 0.00 7.23 10.80
C VAL A 193 1.10 6.28 10.29
N PRO A 194 0.72 5.29 9.45
CA PRO A 194 1.70 4.29 8.99
C PRO A 194 2.72 4.89 8.03
N GLU A 195 3.94 4.37 8.07
CA GLU A 195 5.07 4.91 7.30
C GLU A 195 5.13 4.43 5.86
N SER A 196 5.78 5.23 5.02
CA SER A 196 5.84 5.07 3.56
C SER A 196 5.75 3.62 3.05
N GLY A 197 6.76 2.81 3.31
CA GLY A 197 6.84 1.48 2.70
C GLY A 197 6.33 0.31 3.53
N THR A 198 5.52 0.61 4.55
CA THR A 198 5.04 -0.40 5.48
C THR A 198 3.80 -1.14 4.99
N GLU A 199 3.62 -2.37 5.46
CA GLU A 199 2.43 -3.16 5.17
C GLU A 199 1.17 -2.41 5.60
N ALA A 200 1.23 -1.81 6.79
CA ALA A 200 0.10 -1.07 7.35
C ALA A 200 -0.26 0.18 6.55
N ALA A 201 0.66 0.65 5.71
CA ALA A 201 0.42 1.83 4.89
C ALA A 201 -0.46 1.51 3.68
N ALA A 202 -0.55 0.23 3.34
CA ALA A 202 -1.36 -0.26 2.21
C ALA A 202 -1.07 0.47 0.88
N GLY A 203 0.20 0.79 0.66
CA GLY A 203 0.62 1.49 -0.57
C GLY A 203 0.55 3.01 -0.52
N ILE A 204 0.04 3.57 0.57
CA ILE A 204 -0.03 5.03 0.74
C ILE A 204 1.29 5.58 1.28
N GLU A 205 1.75 6.68 0.68
CA GLU A 205 2.94 7.38 1.16
C GLU A 205 2.54 8.71 1.76
N TRP A 206 2.52 8.79 3.08
CA TRP A 206 2.12 10.01 3.76
C TRP A 206 3.28 11.00 3.82
N GLN A 207 2.98 12.26 3.52
CA GLN A 207 3.99 13.31 3.56
C GLN A 207 3.32 14.59 4.02
N ARG A 208 4.10 15.51 4.58
CA ARG A 208 3.52 16.74 5.09
C ARG A 208 3.43 17.83 4.02
N GLU A 209 2.24 18.37 3.84
CA GLU A 209 2.10 19.57 3.03
C GLU A 209 2.65 20.76 3.80
N THR A 210 2.28 20.89 5.06
CA THR A 210 2.70 22.03 5.89
C THR A 210 3.06 21.59 7.30
N ILE A 211 4.03 22.27 7.89
CA ILE A 211 4.28 22.18 9.33
C ILE A 211 4.47 23.59 9.88
N SER A 212 3.81 23.89 10.98
CA SER A 212 3.95 25.21 11.60
C SER A 212 5.25 25.27 12.42
N GLU A 213 5.61 26.49 12.83
CA GLU A 213 6.65 26.69 13.84
C GLU A 213 6.13 26.15 15.16
N GLU A 214 7.03 25.92 16.11
CA GLU A 214 6.61 25.55 17.45
C GLU A 214 5.97 26.75 18.11
N LEU A 215 4.76 26.54 18.63
CA LEU A 215 3.94 27.62 19.20
C LEU A 215 3.77 27.42 20.70
N THR A 216 3.48 28.51 21.40
CA THR A 216 3.32 28.51 22.84
C THR A 216 1.87 28.87 23.19
N SER A 217 1.22 28.01 23.96
CA SER A 217 -0.17 28.25 24.34
C SER A 217 -0.29 29.30 25.43
N ALA A 218 -1.32 30.14 25.33
CA ALA A 218 -1.65 31.08 26.41
C ALA A 218 -2.61 30.43 27.40
N ASN A 219 -2.32 29.18 27.76
CA ASN A 219 -3.17 28.38 28.65
C ASN A 219 -2.72 28.44 30.11
N GLY A 220 -1.74 29.29 30.42
CA GLY A 220 -1.21 29.39 31.77
C GLY A 220 -0.03 28.46 32.04
N ASN A 221 0.08 27.42 31.22
CA ASN A 221 1.16 26.43 31.38
C ASN A 221 2.26 26.56 30.32
N GLU A 222 2.12 27.54 29.43
CA GLU A 222 3.11 27.83 28.38
C GLU A 222 3.38 26.62 27.47
N THR A 223 2.40 25.72 27.38
CA THR A 223 2.57 24.44 26.68
C THR A 223 2.87 24.63 25.20
N LYS A 224 3.92 23.96 24.73
CA LYS A 224 4.33 24.01 23.32
C LYS A 224 3.50 23.05 22.48
N TYR A 225 3.32 23.40 21.22
CA TYR A 225 2.51 22.61 20.28
C TYR A 225 2.80 23.11 18.88
N TYR A 226 2.51 22.27 17.89
CA TYR A 226 2.61 22.65 16.49
C TYR A 226 1.54 21.95 15.64
N PHE A 227 1.31 22.49 14.44
CA PHE A 227 0.35 21.94 13.48
C PHE A 227 1.06 21.23 12.34
N GLU A 228 0.43 20.18 11.81
CA GLU A 228 0.87 19.50 10.60
C GLU A 228 -0.33 19.16 9.73
N LYS A 229 -0.18 19.32 8.42
CA LYS A 229 -1.13 18.79 7.46
C LYS A 229 -0.44 17.71 6.65
N LEU A 230 -0.90 16.47 6.78
CA LEU A 230 -0.34 15.35 6.01
C LEU A 230 -1.27 14.98 4.87
N ILE A 231 -0.69 14.72 3.71
CA ILE A 231 -1.46 14.32 2.54
C ILE A 231 -0.87 13.07 1.90
N PRO A 232 -1.71 12.28 1.21
CA PRO A 232 -1.20 11.06 0.59
C PRO A 232 -0.52 11.40 -0.73
N ARG A 233 0.76 11.06 -0.84
CA ARG A 233 1.53 11.42 -2.01
C ARG A 233 0.81 11.03 -3.30
N ASN A 234 0.65 12.01 -4.19
CA ASN A 234 -0.03 11.82 -5.48
C ASN A 234 0.97 11.67 -6.63
N ARG A 235 1.45 10.44 -6.83
CA ARG A 235 2.44 10.12 -7.86
C ARG A 235 1.97 10.28 -9.32
N GLU A 236 0.65 10.20 -9.53
CA GLU A 236 0.08 10.38 -10.87
C GLU A 236 0.21 11.83 -11.33
N GLU A 237 -0.11 12.78 -10.46
CA GLU A 237 0.09 14.19 -10.79
C GLU A 237 1.58 14.53 -10.84
N GLU A 238 2.38 13.82 -10.04
CA GLU A 238 3.83 13.99 -10.08
C GLU A 238 4.43 13.70 -11.46
N GLN A 239 3.89 12.70 -12.17
CA GLN A 239 4.26 12.42 -13.57
C GLN A 239 4.19 13.67 -14.43
N TYR A 240 3.07 14.37 -14.33
CA TYR A 240 2.80 15.54 -15.14
C TYR A 240 3.75 16.68 -14.76
N LEU A 241 4.03 16.80 -13.46
CA LEU A 241 4.94 17.82 -12.94
C LEU A 241 6.40 17.56 -13.32
N SER A 242 6.80 16.30 -13.37
CA SER A 242 8.18 15.97 -13.70
C SER A 242 8.45 16.15 -15.19
N LEU A 243 7.40 15.94 -16.00
CA LEU A 243 7.42 16.21 -17.43
C LEU A 243 7.53 17.70 -17.73
N VAL A 244 6.74 18.51 -17.01
CA VAL A 244 6.81 19.96 -17.13
C VAL A 244 8.24 20.41 -16.85
N ASP A 245 8.79 19.91 -15.74
CA ASP A 245 10.15 20.25 -15.30
C ASP A 245 11.19 19.84 -16.32
N ARG A 246 11.03 18.65 -16.89
CA ARG A 246 11.89 18.15 -17.98
C ARG A 246 11.84 19.05 -19.22
N ILE A 247 10.63 19.46 -19.60
CA ILE A 247 10.43 20.39 -20.72
C ILE A 247 11.14 21.74 -20.48
N ILE A 248 11.02 22.29 -19.27
CA ILE A 248 11.70 23.54 -18.93
C ILE A 248 13.23 23.37 -19.06
N ARG A 249 13.73 22.25 -18.57
CA ARG A 249 15.18 22.08 -18.42
C ARG A 249 15.87 21.55 -19.68
N GLU A 250 15.18 20.71 -20.44
CA GLU A 250 15.82 20.02 -21.55
C GLU A 250 15.08 20.15 -22.89
N GLY A 251 13.93 20.80 -22.88
CA GLY A 251 13.12 20.95 -24.07
C GLY A 251 13.80 21.80 -25.13
N ASN A 252 13.49 21.51 -26.40
CA ASN A 252 13.99 22.30 -27.51
C ASN A 252 13.11 23.53 -27.73
N VAL A 253 13.72 24.64 -28.13
CA VAL A 253 12.97 25.85 -28.47
C VAL A 253 12.31 25.69 -29.83
N LYS A 254 10.97 25.81 -29.85
CA LYS A 254 10.20 25.74 -31.08
C LYS A 254 9.33 26.98 -31.21
N HIS A 255 8.84 27.23 -32.43
CA HIS A 255 7.89 28.31 -32.66
C HIS A 255 6.68 27.81 -33.44
N ASP A 256 5.49 28.17 -32.96
CA ASP A 256 4.25 27.72 -33.57
C ASP A 256 3.89 28.53 -34.82
N ARG A 257 2.62 28.42 -35.24
CA ARG A 257 2.12 29.08 -36.45
C ARG A 257 1.80 30.56 -36.25
N THR A 258 2.56 31.22 -35.38
CA THR A 258 2.40 32.65 -35.11
C THR A 258 3.77 33.25 -34.83
N GLY A 259 4.72 32.38 -34.48
CA GLY A 259 6.04 32.82 -34.05
C GLY A 259 6.11 32.85 -32.54
N VAL A 260 5.06 32.34 -31.89
CA VAL A 260 5.03 32.19 -30.45
C VAL A 260 5.97 31.05 -30.03
N GLY A 261 6.87 31.39 -29.12
CA GLY A 261 7.91 30.48 -28.66
C GLY A 261 7.40 29.38 -27.75
N THR A 262 8.08 28.23 -27.82
CA THR A 262 7.68 27.07 -27.05
C THR A 262 8.91 26.27 -26.65
N LEU A 263 8.87 25.67 -25.47
CA LEU A 263 9.84 24.64 -25.10
C LEU A 263 9.14 23.30 -25.27
N SER A 264 9.78 22.35 -25.95
CA SER A 264 9.13 21.08 -26.23
C SER A 264 10.03 19.85 -26.19
N ILE A 265 9.43 18.71 -25.80
CA ILE A 265 10.02 17.39 -25.97
C ILE A 265 9.08 16.53 -26.81
N PHE A 266 9.55 15.36 -27.24
CA PHE A 266 8.76 14.45 -28.06
C PHE A 266 8.72 13.04 -27.47
N GLY A 267 7.50 12.54 -27.24
CA GLY A 267 7.28 11.17 -26.75
C GLY A 267 7.29 11.05 -25.25
N ALA A 268 6.10 10.92 -24.67
CA ALA A 268 5.91 10.74 -23.24
C ALA A 268 4.67 9.88 -23.00
N GLN A 269 4.53 9.34 -21.79
CA GLN A 269 3.38 8.52 -21.48
C GLN A 269 3.03 8.67 -20.01
N MET A 270 1.75 8.81 -19.71
CA MET A 270 1.26 8.91 -18.33
C MET A 270 0.08 7.98 -18.07
N ARG A 271 -0.14 7.63 -16.80
CA ARG A 271 -1.23 6.74 -16.40
C ARG A 271 -2.02 7.30 -15.23
N PHE A 272 -3.33 7.06 -15.24
CA PHE A 272 -4.22 7.56 -14.20
C PHE A 272 -5.27 6.51 -13.86
N SER A 273 -5.41 6.24 -12.57
CA SER A 273 -6.45 5.35 -12.07
C SER A 273 -7.83 6.04 -12.11
N LEU A 274 -8.80 5.34 -12.69
CA LEU A 274 -10.18 5.80 -12.73
C LEU A 274 -11.05 4.92 -11.81
N ARG A 275 -10.41 4.10 -10.99
CA ARG A 275 -11.11 3.10 -10.19
C ARG A 275 -11.88 3.72 -9.03
N ASN A 276 -13.04 3.12 -8.72
CA ASN A 276 -13.85 3.55 -7.58
C ASN A 276 -14.06 5.06 -7.53
N ASN A 277 -14.58 5.58 -8.65
CA ASN A 277 -15.06 6.95 -8.76
C ASN A 277 -13.98 8.03 -8.85
N ARG A 278 -12.71 7.63 -8.79
CA ARG A 278 -11.61 8.59 -8.84
C ARG A 278 -11.54 9.34 -10.17
N LEU A 279 -11.27 10.63 -10.09
CA LEU A 279 -11.21 11.50 -11.25
C LEU A 279 -9.93 12.34 -11.23
N PRO A 280 -9.01 12.11 -12.17
CA PRO A 280 -7.73 12.81 -12.24
C PRO A 280 -7.82 14.27 -12.70
N LEU A 281 -8.49 15.10 -11.90
CA LEU A 281 -8.44 16.55 -12.09
C LEU A 281 -7.26 17.06 -11.33
N LEU A 282 -6.33 17.70 -12.02
CA LEU A 282 -5.10 18.19 -11.40
C LEU A 282 -5.38 19.20 -10.29
N THR A 283 -4.59 19.11 -9.23
CA THR A 283 -4.81 19.89 -8.01
C THR A 283 -3.87 21.09 -7.88
N THR A 284 -2.70 21.01 -8.51
CA THR A 284 -1.72 22.09 -8.42
C THR A 284 -2.15 23.32 -9.22
N LYS A 285 -3.14 23.12 -10.09
CA LYS A 285 -3.82 24.22 -10.78
C LYS A 285 -5.21 23.76 -11.17
N ARG A 286 -6.21 24.59 -10.86
CA ARG A 286 -7.62 24.27 -11.11
C ARG A 286 -7.95 24.01 -12.58
N VAL A 287 -8.72 22.96 -12.81
CA VAL A 287 -9.20 22.59 -14.13
C VAL A 287 -10.66 23.04 -14.32
N PHE A 288 -10.93 23.67 -15.46
CA PHE A 288 -12.29 24.06 -15.85
C PHE A 288 -13.15 22.84 -16.14
N TRP A 289 -13.60 22.15 -15.09
CA TRP A 289 -14.36 20.92 -15.24
C TRP A 289 -15.64 21.08 -16.03
N ARG A 290 -16.36 22.17 -15.80
CA ARG A 290 -17.65 22.36 -16.46
C ARG A 290 -17.48 22.41 -17.98
N GLY A 291 -16.41 23.06 -18.43
CA GLY A 291 -16.01 23.09 -19.84
C GLY A 291 -15.63 21.71 -20.35
N VAL A 292 -14.81 20.98 -19.57
CA VAL A 292 -14.42 19.61 -19.92
C VAL A 292 -15.65 18.76 -20.17
N CYS A 293 -16.56 18.78 -19.18
CA CYS A 293 -17.79 17.98 -19.21
C CYS A 293 -18.71 18.33 -20.37
N GLU A 294 -19.01 19.63 -20.52
CA GLU A 294 -19.90 20.08 -21.58
C GLU A 294 -19.38 19.74 -22.97
N GLU A 295 -18.08 19.92 -23.19
CA GLU A 295 -17.47 19.65 -24.47
C GLU A 295 -17.38 18.15 -24.77
N LEU A 296 -17.10 17.34 -23.77
CA LEU A 296 -17.02 15.89 -24.00
C LEU A 296 -18.37 15.33 -24.45
N LEU A 297 -19.43 15.73 -23.75
CA LEU A 297 -20.79 15.37 -24.11
C LEU A 297 -21.07 15.81 -25.54
N TRP A 298 -20.60 17.02 -25.86
CA TRP A 298 -20.73 17.62 -27.19
C TRP A 298 -20.03 16.76 -28.25
N PHE A 299 -18.80 16.32 -27.95
CA PHE A 299 -18.09 15.33 -28.78
C PHE A 299 -18.94 14.09 -28.97
N LEU A 300 -19.37 13.51 -27.85
CA LEU A 300 -20.09 12.22 -27.86
C LEU A 300 -21.36 12.21 -28.70
N ARG A 301 -22.01 13.37 -28.77
CA ARG A 301 -23.22 13.58 -29.58
C ARG A 301 -22.90 13.74 -31.08
N GLY A 302 -21.62 13.88 -31.40
CA GLY A 302 -21.20 14.08 -32.79
C GLY A 302 -21.49 15.50 -33.27
N GLU A 303 -21.41 16.45 -32.34
CA GLU A 303 -21.79 17.83 -32.59
C GLU A 303 -20.70 18.61 -33.34
N THR A 304 -21.10 19.63 -34.09
CA THR A 304 -20.14 20.48 -34.83
C THR A 304 -20.43 21.99 -34.67
N TYR A 305 -21.56 22.31 -34.04
CA TYR A 305 -21.96 23.68 -33.81
C TYR A 305 -21.50 24.13 -32.42
N ALA A 306 -20.43 24.93 -32.40
CA ALA A 306 -19.85 25.43 -31.16
C ALA A 306 -20.76 26.41 -30.40
N LYS A 307 -21.81 26.89 -31.05
CA LYS A 307 -22.74 27.81 -30.40
C LYS A 307 -23.50 27.10 -29.27
N LYS A 308 -23.65 25.80 -29.40
CA LYS A 308 -24.24 24.96 -28.35
C LYS A 308 -23.39 24.98 -27.07
N LEU A 309 -22.09 25.17 -27.22
CA LEU A 309 -21.17 25.34 -26.09
C LEU A 309 -21.19 26.78 -25.53
N SER A 310 -21.05 27.78 -26.41
CA SER A 310 -21.01 29.17 -25.98
C SER A 310 -22.33 29.60 -25.34
N ASP A 311 -23.45 29.13 -25.88
CA ASP A 311 -24.77 29.31 -25.24
C ASP A 311 -24.81 28.75 -23.81
N LYS A 312 -23.96 27.77 -23.52
CA LYS A 312 -23.84 27.21 -22.17
C LYS A 312 -22.71 27.83 -21.36
N GLY A 313 -22.19 28.96 -21.84
CA GLY A 313 -21.13 29.67 -21.15
C GLY A 313 -19.75 29.05 -21.31
N VAL A 314 -19.61 28.15 -22.27
CA VAL A 314 -18.32 27.53 -22.57
C VAL A 314 -17.76 28.14 -23.85
N HIS A 315 -16.77 29.03 -23.70
CA HIS A 315 -16.28 29.84 -24.81
C HIS A 315 -14.93 29.38 -25.40
N ILE A 316 -14.54 28.14 -25.10
CA ILE A 316 -13.26 27.58 -25.55
C ILE A 316 -13.07 27.50 -27.08
N TRP A 317 -14.18 27.45 -27.82
CA TRP A 317 -14.14 27.36 -29.27
C TRP A 317 -14.45 28.67 -30.01
N ASP A 318 -14.74 29.72 -29.25
CA ASP A 318 -15.20 31.01 -29.83
C ASP A 318 -14.26 31.58 -30.88
N ASP A 319 -12.97 31.66 -30.57
CA ASP A 319 -11.96 32.18 -31.49
C ASP A 319 -11.79 31.34 -32.75
N ASN A 320 -11.95 30.02 -32.61
CA ASN A 320 -11.84 29.12 -33.76
C ASN A 320 -13.13 28.99 -34.57
N GLY A 321 -14.18 29.67 -34.11
CA GLY A 321 -15.48 29.63 -34.78
C GLY A 321 -15.88 30.96 -35.40
N SER A 322 -15.08 31.99 -35.14
CA SER A 322 -15.35 33.33 -35.65
C SER A 322 -15.24 33.41 -37.17
N ARG A 323 -15.93 34.39 -37.74
CA ARG A 323 -15.89 34.66 -39.18
C ARG A 323 -14.46 34.79 -39.69
N ALA A 324 -13.67 35.64 -39.05
CA ALA A 324 -12.29 35.91 -39.44
C ALA A 324 -11.42 34.65 -39.48
N PHE A 325 -11.55 33.79 -38.47
CA PHE A 325 -10.74 32.58 -38.41
C PHE A 325 -11.13 31.55 -39.46
N LEU A 326 -12.44 31.30 -39.58
CA LEU A 326 -12.96 30.35 -40.57
C LEU A 326 -12.52 30.78 -41.97
N ASP A 327 -12.75 32.06 -42.28
CA ASP A 327 -12.32 32.64 -43.56
C ASP A 327 -10.84 32.40 -43.84
N SER A 328 -9.99 32.57 -42.82
CA SER A 328 -8.54 32.38 -42.95
C SER A 328 -8.14 30.94 -43.25
N ARG A 329 -9.05 30.00 -43.00
CA ARG A 329 -8.85 28.60 -43.36
C ARG A 329 -9.53 28.26 -44.69
N GLY A 330 -10.10 29.28 -45.34
CA GLY A 330 -10.81 29.09 -46.61
C GLY A 330 -12.23 28.59 -46.45
N LEU A 331 -12.66 28.45 -45.20
CA LEU A 331 -13.99 27.95 -44.86
C LEU A 331 -15.05 29.07 -44.90
N THR A 332 -15.03 29.81 -46.00
CA THR A 332 -15.86 31.00 -46.26
C THR A 332 -17.37 30.74 -46.35
N GLU A 333 -17.74 29.46 -46.35
CA GLU A 333 -19.12 29.06 -46.55
C GLU A 333 -19.76 28.57 -45.24
N TYR A 334 -18.93 28.35 -44.22
CA TYR A 334 -19.44 27.96 -42.91
C TYR A 334 -19.98 29.19 -42.19
N GLU A 335 -21.17 29.07 -41.61
CA GLU A 335 -21.68 30.12 -40.72
C GLU A 335 -20.81 30.15 -39.48
N GLU A 336 -20.82 31.27 -38.78
CA GLU A 336 -20.03 31.40 -37.55
C GLU A 336 -20.35 30.28 -36.56
N MET A 337 -19.29 29.77 -35.93
CA MET A 337 -19.38 28.68 -34.94
C MET A 337 -19.63 27.30 -35.53
N ASP A 338 -19.77 27.22 -36.86
CA ASP A 338 -19.79 25.91 -37.54
C ASP A 338 -18.35 25.51 -37.82
N LEU A 339 -17.83 24.60 -37.00
CA LEU A 339 -16.42 24.24 -37.04
C LEU A 339 -16.04 23.26 -38.15
N GLY A 340 -17.04 22.74 -38.84
CA GLY A 340 -16.83 21.66 -39.81
C GLY A 340 -16.82 20.33 -39.11
N PRO A 341 -16.43 19.25 -39.82
CA PRO A 341 -16.56 17.88 -39.34
C PRO A 341 -15.45 17.48 -38.35
N VAL A 342 -15.30 18.27 -37.30
CA VAL A 342 -14.21 18.08 -36.35
C VAL A 342 -14.50 16.95 -35.38
N TYR A 343 -13.46 16.43 -34.74
CA TYR A 343 -13.61 15.61 -33.55
C TYR A 343 -14.86 14.74 -33.64
N GLY A 344 -15.84 15.01 -32.78
CA GLY A 344 -16.85 14.02 -32.43
C GLY A 344 -17.73 13.66 -33.61
N PHE A 345 -17.76 14.53 -34.61
CA PHE A 345 -18.36 14.21 -35.90
C PHE A 345 -17.66 12.99 -36.52
N GLN A 346 -16.32 12.95 -36.45
CA GLN A 346 -15.58 11.79 -36.94
C GLN A 346 -15.81 10.56 -36.06
N TRP A 347 -15.91 10.77 -34.74
CA TRP A 347 -16.21 9.70 -33.79
C TRP A 347 -17.50 8.97 -34.16
N ARG A 348 -18.54 9.74 -34.49
CA ARG A 348 -19.86 9.16 -34.74
C ARG A 348 -20.18 8.98 -36.23
N HIS A 349 -19.53 9.78 -37.08
CA HIS A 349 -19.91 9.85 -38.49
C HIS A 349 -18.67 9.83 -39.38
N PHE A 350 -17.70 8.98 -39.06
CA PHE A 350 -16.45 8.96 -39.82
C PHE A 350 -16.68 8.90 -41.32
N GLY A 351 -16.06 9.83 -42.05
CA GLY A 351 -16.07 9.83 -43.51
C GLY A 351 -17.33 10.37 -44.14
N ALA A 352 -18.30 10.76 -43.32
CA ALA A 352 -19.55 11.33 -43.84
C ALA A 352 -19.27 12.66 -44.54
N ALA A 353 -20.08 12.95 -45.56
CA ALA A 353 -19.91 14.17 -46.35
C ALA A 353 -20.55 15.33 -45.60
N TYR A 354 -19.71 16.16 -44.99
CA TYR A 354 -20.18 17.29 -44.22
C TYR A 354 -20.35 18.53 -45.10
N THR A 355 -21.48 19.23 -44.93
CA THR A 355 -21.68 20.54 -45.56
C THR A 355 -21.96 21.63 -44.52
N HIS A 356 -23.00 21.43 -43.70
CA HIS A 356 -23.33 22.35 -42.60
C HIS A 356 -23.86 21.58 -41.38
N HIS A 357 -23.88 22.25 -40.24
CA HIS A 357 -24.26 21.65 -38.96
C HIS A 357 -25.75 21.37 -38.87
N ASP A 358 -26.53 22.07 -39.68
CA ASP A 358 -27.98 21.97 -39.70
C ASP A 358 -28.49 20.65 -40.27
N ALA A 359 -27.67 20.02 -41.11
CA ALA A 359 -28.01 18.77 -41.75
C ALA A 359 -28.14 17.66 -40.72
N ASN A 360 -28.88 16.62 -41.06
CA ASN A 360 -29.06 15.47 -40.18
C ASN A 360 -28.15 14.33 -40.59
N TYR A 361 -27.16 14.05 -39.75
CA TYR A 361 -26.14 13.06 -40.07
C TYR A 361 -26.36 11.66 -39.48
N ASP A 362 -27.52 11.43 -38.87
CA ASP A 362 -27.85 10.11 -38.32
C ASP A 362 -27.62 9.01 -39.34
N GLY A 363 -26.83 8.01 -38.96
CA GLY A 363 -26.58 6.86 -39.83
C GLY A 363 -25.66 7.14 -41.01
N GLN A 364 -25.07 8.34 -41.04
CA GLN A 364 -24.08 8.70 -42.06
C GLN A 364 -22.68 8.49 -41.50
N GLY A 365 -21.80 7.95 -42.33
CA GLY A 365 -20.45 7.63 -41.91
C GLY A 365 -20.37 6.38 -41.06
N VAL A 366 -19.22 6.17 -40.43
CA VAL A 366 -19.04 5.04 -39.52
C VAL A 366 -19.18 5.52 -38.08
N ASP A 367 -20.14 4.96 -37.35
CA ASP A 367 -20.26 5.22 -35.93
C ASP A 367 -19.27 4.35 -35.16
N GLN A 368 -18.09 4.92 -34.90
CA GLN A 368 -17.01 4.18 -34.25
C GLN A 368 -17.31 3.90 -32.78
N ILE A 369 -17.93 4.86 -32.10
CA ILE A 369 -18.28 4.73 -30.68
C ILE A 369 -19.33 3.64 -30.41
N LYS A 370 -20.38 3.59 -31.24
CA LYS A 370 -21.41 2.56 -31.12
C LYS A 370 -20.82 1.19 -31.46
N ALA A 371 -19.92 1.15 -32.45
CA ALA A 371 -19.22 -0.07 -32.80
C ALA A 371 -18.39 -0.57 -31.62
N ILE A 372 -17.74 0.37 -30.91
CA ILE A 372 -16.89 0.01 -29.76
C ILE A 372 -17.74 -0.52 -28.59
N VAL A 373 -18.83 0.19 -28.29
CA VAL A 373 -19.75 -0.24 -27.23
C VAL A 373 -20.27 -1.68 -27.44
N GLU A 374 -20.71 -1.98 -28.65
CA GLU A 374 -21.22 -3.31 -28.99
C GLU A 374 -20.16 -4.40 -28.87
N THR A 375 -18.94 -4.07 -29.30
CA THR A 375 -17.81 -4.99 -29.19
C THR A 375 -17.46 -5.24 -27.72
N LEU A 376 -17.42 -4.16 -26.93
CA LEU A 376 -17.11 -4.26 -25.50
C LEU A 376 -18.06 -5.16 -24.70
N LYS A 377 -19.33 -5.20 -25.08
CA LYS A 377 -20.34 -5.96 -24.34
C LYS A 377 -20.41 -7.43 -24.77
N THR A 378 -19.74 -7.75 -25.89
CA THR A 378 -19.83 -9.08 -26.50
C THR A 378 -18.48 -9.79 -26.59
N ASN A 379 -17.46 -9.07 -27.05
CA ASN A 379 -16.09 -9.60 -27.13
C ASN A 379 -15.03 -8.60 -26.66
N PRO A 380 -14.96 -8.38 -25.33
CA PRO A 380 -14.13 -7.32 -24.73
C PRO A 380 -12.61 -7.52 -24.90
N ASP A 381 -12.22 -8.67 -25.43
CA ASP A 381 -10.79 -8.96 -25.65
C ASP A 381 -10.31 -8.61 -27.04
N ASP A 382 -11.22 -8.11 -27.89
CA ASP A 382 -10.91 -7.62 -29.24
C ASP A 382 -9.81 -6.56 -29.16
N ARG A 383 -8.87 -6.57 -30.11
CA ARG A 383 -7.76 -5.61 -30.10
C ARG A 383 -7.90 -4.50 -31.14
N ARG A 384 -9.12 -4.31 -31.64
CA ARG A 384 -9.40 -3.31 -32.66
C ARG A 384 -10.41 -2.28 -32.14
N MET A 385 -10.54 -2.17 -30.82
CA MET A 385 -11.53 -1.28 -30.23
C MET A 385 -10.96 0.12 -30.08
N LEU A 386 -10.90 0.82 -31.20
CA LEU A 386 -10.43 2.19 -31.19
C LEU A 386 -11.16 3.06 -32.19
N PHE A 387 -11.13 4.37 -31.91
CA PHE A 387 -11.71 5.37 -32.79
C PHE A 387 -10.73 6.49 -33.07
N THR A 388 -10.93 7.15 -34.20
CA THR A 388 -10.05 8.21 -34.64
C THR A 388 -10.82 9.41 -35.17
N ALA A 389 -10.24 10.58 -34.96
CA ALA A 389 -10.74 11.80 -35.57
C ALA A 389 -9.75 12.27 -36.65
N TRP A 390 -8.63 11.55 -36.77
CA TRP A 390 -7.65 11.90 -37.79
C TRP A 390 -8.08 11.36 -39.16
N ASN A 391 -8.77 12.20 -39.90
CA ASN A 391 -9.28 11.84 -41.21
C ASN A 391 -8.71 12.81 -42.26
N PRO A 392 -7.58 12.43 -42.88
CA PRO A 392 -6.92 13.26 -43.89
C PRO A 392 -7.84 13.80 -45.00
N SER A 393 -8.91 13.08 -45.31
CA SER A 393 -9.90 13.51 -46.30
C SER A 393 -10.74 14.68 -45.79
N ALA A 394 -10.95 14.74 -44.48
CA ALA A 394 -11.81 15.77 -43.86
C ALA A 394 -11.01 16.92 -43.27
N LEU A 395 -9.75 16.67 -42.94
CA LEU A 395 -8.88 17.68 -42.34
C LEU A 395 -8.98 19.09 -42.95
N PRO A 396 -8.86 19.23 -44.29
CA PRO A 396 -8.87 20.59 -44.84
C PRO A 396 -10.19 21.34 -44.62
N ARG A 397 -11.29 20.61 -44.42
CA ARG A 397 -12.58 21.25 -44.15
C ARG A 397 -12.95 21.34 -42.66
N MET A 398 -11.97 21.08 -41.79
CA MET A 398 -12.14 21.29 -40.35
C MET A 398 -11.55 22.64 -39.96
N ALA A 399 -12.17 23.29 -38.97
CA ALA A 399 -11.64 24.54 -38.42
C ALA A 399 -10.23 24.31 -37.84
N LEU A 400 -10.06 23.19 -37.17
CA LEU A 400 -8.81 22.78 -36.55
C LEU A 400 -8.65 21.27 -36.75
N PRO A 401 -7.43 20.83 -37.13
CA PRO A 401 -7.23 19.38 -37.16
C PRO A 401 -7.19 18.85 -35.71
N PRO A 402 -7.71 17.63 -35.49
CA PRO A 402 -7.82 17.08 -34.14
C PRO A 402 -6.49 17.04 -33.41
N CYS A 403 -6.53 17.34 -32.12
CA CYS A 403 -5.32 17.29 -31.31
C CYS A 403 -5.24 15.95 -30.58
N HIS A 404 -6.22 15.69 -29.72
CA HIS A 404 -6.42 14.34 -29.22
C HIS A 404 -7.13 13.59 -30.35
N LEU A 405 -6.41 12.67 -30.99
CA LEU A 405 -6.85 12.19 -32.29
C LEU A 405 -7.25 10.72 -32.32
N LEU A 406 -6.83 9.97 -31.31
CA LEU A 406 -7.11 8.53 -31.27
C LEU A 406 -7.25 8.01 -29.85
N ALA A 407 -8.16 7.07 -29.64
CA ALA A 407 -8.32 6.39 -28.36
C ALA A 407 -8.59 4.89 -28.54
N GLN A 408 -7.99 4.07 -27.67
CA GLN A 408 -8.12 2.61 -27.74
C GLN A 408 -8.55 2.06 -26.39
N PHE A 409 -9.44 1.07 -26.42
CA PHE A 409 -9.95 0.43 -25.21
C PHE A 409 -9.40 -0.98 -24.97
N TYR A 410 -9.34 -1.35 -23.69
CA TYR A 410 -8.82 -2.65 -23.25
C TYR A 410 -9.59 -3.02 -22.00
N VAL A 411 -9.82 -4.32 -21.82
CA VAL A 411 -10.59 -4.83 -20.70
C VAL A 411 -9.82 -5.89 -19.94
N SER A 412 -9.70 -5.70 -18.63
CA SER A 412 -9.16 -6.73 -17.75
C SER A 412 -9.96 -6.75 -16.44
N ASN A 413 -10.32 -7.95 -16.00
CA ASN A 413 -11.01 -8.14 -14.71
C ASN A 413 -12.32 -7.35 -14.59
N GLY A 414 -13.01 -7.13 -15.71
CA GLY A 414 -14.24 -6.35 -15.72
C GLY A 414 -13.98 -4.85 -15.62
N GLU A 415 -12.76 -4.44 -15.93
CA GLU A 415 -12.42 -3.03 -15.91
C GLU A 415 -12.07 -2.50 -17.29
N LEU A 416 -12.60 -1.33 -17.61
CA LEU A 416 -12.33 -0.69 -18.88
C LEU A 416 -11.18 0.29 -18.77
N SER A 417 -10.16 0.06 -19.58
CA SER A 417 -9.04 0.99 -19.69
C SER A 417 -9.01 1.67 -21.05
N CYS A 418 -8.43 2.87 -21.09
CA CYS A 418 -8.39 3.67 -22.31
C CYS A 418 -7.03 4.30 -22.53
N MET A 419 -6.53 4.17 -23.76
CA MET A 419 -5.33 4.86 -24.19
C MET A 419 -5.69 5.95 -25.19
N LEU A 420 -5.31 7.17 -24.85
CA LEU A 420 -5.46 8.33 -25.73
C LEU A 420 -4.16 8.62 -26.47
N TYR A 421 -4.26 8.93 -27.77
CA TYR A 421 -3.11 9.49 -28.48
C TYR A 421 -3.32 10.97 -28.81
N GLN A 422 -2.39 11.82 -28.34
CA GLN A 422 -2.46 13.25 -28.56
C GLN A 422 -1.16 13.72 -29.21
N ARG A 423 -1.29 14.34 -30.39
CA ARG A 423 -0.14 14.75 -31.22
C ARG A 423 0.57 16.00 -30.72
N SER A 424 -0.21 16.88 -30.10
CA SER A 424 0.26 18.19 -29.70
C SER A 424 -0.31 18.49 -28.33
N CYS A 425 0.58 18.64 -27.35
CA CYS A 425 0.17 18.68 -25.95
C CYS A 425 0.65 19.93 -25.23
N ASP A 426 -0.26 20.89 -25.08
CA ASP A 426 0.01 22.07 -24.28
C ASP A 426 -0.06 21.70 -22.80
N MET A 427 1.08 21.71 -22.13
CA MET A 427 1.17 21.25 -20.75
C MET A 427 0.48 22.19 -19.77
N GLY A 428 0.64 23.49 -19.99
CA GLY A 428 0.07 24.51 -19.10
C GLY A 428 -1.44 24.47 -18.96
N LEU A 429 -2.15 24.36 -20.08
CA LEU A 429 -3.61 24.48 -20.07
C LEU A 429 -4.35 23.31 -20.69
N GLY A 430 -3.84 22.83 -21.83
CA GLY A 430 -4.53 21.80 -22.60
C GLY A 430 -4.52 20.39 -22.01
N VAL A 431 -3.35 19.95 -21.54
CA VAL A 431 -3.17 18.59 -21.02
C VAL A 431 -4.07 18.24 -19.81
N PRO A 432 -4.07 19.09 -18.77
CA PRO A 432 -4.97 18.80 -17.64
C PRO A 432 -6.44 18.71 -18.08
N PHE A 433 -6.78 19.48 -19.10
CA PHE A 433 -8.13 19.52 -19.66
C PHE A 433 -8.46 18.22 -20.37
N ASN A 434 -7.49 17.70 -21.13
CA ASN A 434 -7.65 16.47 -21.90
C ASN A 434 -7.66 15.20 -21.05
N ILE A 435 -6.85 15.18 -19.99
CA ILE A 435 -6.86 14.10 -19.01
C ILE A 435 -8.25 13.96 -18.40
N ALA A 436 -8.81 15.08 -17.94
CA ALA A 436 -10.17 15.12 -17.40
C ALA A 436 -11.19 14.67 -18.42
N SER A 437 -10.98 15.06 -19.68
CA SER A 437 -11.88 14.77 -20.78
C SER A 437 -11.94 13.27 -21.09
N TYR A 438 -10.79 12.62 -21.16
CA TYR A 438 -10.75 11.19 -21.50
C TYR A 438 -11.01 10.30 -20.28
N ALA A 439 -10.87 10.88 -19.08
CA ALA A 439 -11.31 10.21 -17.86
C ALA A 439 -12.83 10.08 -17.88
N LEU A 440 -13.52 11.19 -18.14
CA LEU A 440 -14.99 11.21 -18.28
C LEU A 440 -15.47 10.24 -19.35
N LEU A 441 -14.85 10.31 -20.53
CA LEU A 441 -15.23 9.44 -21.64
C LEU A 441 -15.21 7.97 -21.22
N THR A 442 -14.10 7.55 -20.62
CA THR A 442 -13.88 6.15 -20.20
C THR A 442 -14.90 5.71 -19.16
N ILE A 443 -15.16 6.59 -18.19
CA ILE A 443 -16.21 6.37 -17.21
C ILE A 443 -17.59 6.18 -17.88
N LEU A 444 -17.93 7.05 -18.84
CA LEU A 444 -19.21 6.95 -19.54
C LEU A 444 -19.32 5.68 -20.39
N ILE A 445 -18.22 5.30 -21.03
CA ILE A 445 -18.21 4.08 -21.85
C ILE A 445 -18.29 2.85 -20.96
N ALA A 446 -17.69 2.92 -19.77
CA ALA A 446 -17.80 1.85 -18.78
C ALA A 446 -19.27 1.61 -18.41
N LYS A 447 -19.99 2.69 -18.13
CA LYS A 447 -21.42 2.67 -17.78
C LYS A 447 -22.29 2.17 -18.91
N ALA A 448 -21.90 2.45 -20.15
CA ALA A 448 -22.65 2.03 -21.33
C ALA A 448 -22.44 0.54 -21.68
N THR A 449 -21.44 -0.07 -21.06
CA THR A 449 -20.97 -1.40 -21.49
C THR A 449 -20.98 -2.48 -20.41
N GLY A 450 -21.33 -2.10 -19.17
CA GLY A 450 -21.39 -3.03 -18.05
C GLY A 450 -20.06 -3.28 -17.37
N LEU A 451 -19.13 -2.35 -17.54
CA LEU A 451 -17.79 -2.50 -16.96
C LEU A 451 -17.52 -1.42 -15.91
N ARG A 452 -16.55 -1.68 -15.04
CA ARG A 452 -16.09 -0.69 -14.07
C ARG A 452 -14.94 0.09 -14.70
N PRO A 453 -14.81 1.39 -14.40
CA PRO A 453 -13.67 2.15 -14.91
C PRO A 453 -12.34 1.62 -14.36
N GLY A 454 -11.34 1.55 -15.22
CA GLY A 454 -10.01 1.09 -14.85
C GLY A 454 -8.99 2.21 -14.85
N GLU A 455 -8.21 2.28 -15.94
CA GLU A 455 -7.08 3.20 -16.05
C GLU A 455 -7.10 4.00 -17.35
N LEU A 456 -6.67 5.25 -17.25
CA LEU A 456 -6.45 6.10 -18.40
C LEU A 456 -4.95 6.13 -18.69
N VAL A 457 -4.57 5.80 -19.91
CA VAL A 457 -3.19 5.96 -20.35
C VAL A 457 -3.15 7.09 -21.38
N HIS A 458 -2.22 8.00 -21.19
CA HIS A 458 -2.10 9.19 -22.03
C HIS A 458 -0.75 9.19 -22.70
N THR A 459 -0.75 9.07 -24.03
CA THR A 459 0.46 9.14 -24.84
C THR A 459 0.50 10.52 -25.47
N LEU A 460 1.66 11.18 -25.33
CA LEU A 460 1.88 12.53 -25.80
C LEU A 460 2.91 12.52 -26.92
N GLY A 461 2.65 13.31 -27.96
CA GLY A 461 3.60 13.51 -29.04
C GLY A 461 4.49 14.69 -28.73
N ASP A 462 4.17 15.83 -29.34
CA ASP A 462 4.87 17.08 -29.08
C ASP A 462 4.29 17.68 -27.82
N ALA A 463 4.95 17.40 -26.69
CA ALA A 463 4.58 18.00 -25.42
C ALA A 463 5.42 19.27 -25.21
N HIS A 464 4.74 20.37 -24.88
CA HIS A 464 5.38 21.68 -24.86
C HIS A 464 4.80 22.64 -23.81
N VAL A 465 5.63 23.60 -23.41
CA VAL A 465 5.23 24.67 -22.51
C VAL A 465 5.46 25.99 -23.25
N TYR A 466 4.40 26.78 -23.41
CA TYR A 466 4.51 28.10 -24.05
C TYR A 466 5.44 29.02 -23.28
N SER A 467 6.13 29.88 -24.03
CA SER A 467 7.02 30.92 -23.51
C SER A 467 6.46 31.66 -22.28
N ASN A 468 5.20 32.08 -22.37
CA ASN A 468 4.58 32.86 -21.29
C ASN A 468 4.05 32.01 -20.13
N HIS A 469 4.14 30.69 -20.29
CA HIS A 469 3.75 29.75 -19.24
C HIS A 469 4.94 29.28 -18.41
N VAL A 470 6.15 29.51 -18.93
CA VAL A 470 7.38 28.98 -18.31
C VAL A 470 7.51 29.35 -16.82
N GLU A 471 7.39 30.63 -16.54
CA GLU A 471 7.51 31.15 -15.17
C GLU A 471 6.36 30.72 -14.23
N PRO A 472 5.09 30.86 -14.67
CA PRO A 472 3.97 30.29 -13.90
C PRO A 472 4.13 28.79 -13.62
N CYS A 473 4.32 28.00 -14.67
CA CYS A 473 4.52 26.55 -14.54
C CYS A 473 5.65 26.21 -13.58
N ASN A 474 6.74 26.99 -13.62
CA ASN A 474 7.88 26.76 -12.75
C ASN A 474 7.57 27.01 -11.28
N GLU A 475 6.72 28.00 -11.02
CA GLU A 475 6.23 28.25 -9.67
C GLU A 475 5.22 27.17 -9.21
N GLN A 476 4.52 26.57 -10.17
CA GLN A 476 3.56 25.50 -9.89
C GLN A 476 4.27 24.23 -9.44
N LEU A 477 5.52 24.07 -9.87
CA LEU A 477 6.35 22.91 -9.52
C LEU A 477 6.69 22.83 -8.02
N LYS A 478 6.51 23.94 -7.33
CA LYS A 478 6.77 24.04 -5.89
C LYS A 478 5.64 23.41 -5.08
N ARG A 479 4.48 23.26 -5.68
CA ARG A 479 3.29 22.75 -5.01
C ARG A 479 3.30 21.23 -4.94
N VAL A 480 3.07 20.70 -3.75
CA VAL A 480 2.97 19.27 -3.56
C VAL A 480 1.55 18.83 -3.90
N PRO A 481 1.39 18.01 -4.96
CA PRO A 481 0.07 17.55 -5.41
C PRO A 481 -0.79 16.97 -4.30
N ARG A 482 -2.08 17.29 -4.33
CA ARG A 482 -3.02 16.78 -3.35
C ARG A 482 -3.74 15.59 -3.92
N ALA A 483 -4.53 14.91 -3.09
CA ALA A 483 -5.37 13.81 -3.54
C ALA A 483 -6.39 14.30 -4.57
N PHE A 484 -6.69 13.44 -5.55
CA PHE A 484 -7.65 13.73 -6.62
C PHE A 484 -9.07 13.72 -6.08
N PRO A 485 -10.00 14.44 -6.77
CA PRO A 485 -11.44 14.36 -6.48
C PRO A 485 -12.07 13.05 -6.94
N TYR A 486 -13.41 13.00 -6.87
CA TYR A 486 -14.19 11.86 -7.32
C TYR A 486 -15.32 12.31 -8.22
N LEU A 487 -15.79 11.43 -9.09
CA LEU A 487 -16.94 11.70 -9.93
C LEU A 487 -18.15 10.86 -9.52
N VAL A 488 -19.28 11.55 -9.33
CA VAL A 488 -20.49 10.92 -8.85
C VAL A 488 -21.66 11.32 -9.75
N PHE A 489 -22.51 10.35 -10.11
CA PHE A 489 -23.68 10.61 -10.92
C PHE A 489 -24.94 10.78 -10.07
N ARG A 490 -25.55 11.96 -10.12
CA ARG A 490 -26.78 12.25 -9.37
C ARG A 490 -27.99 11.61 -10.03
N ARG A 491 -27.93 11.47 -11.35
CA ARG A 491 -28.95 10.73 -12.10
C ARG A 491 -28.38 10.05 -13.34
N GLU A 492 -29.16 9.12 -13.90
CA GLU A 492 -28.78 8.39 -15.10
C GLU A 492 -29.72 8.72 -16.25
N ARG A 493 -29.41 8.21 -17.44
CA ARG A 493 -30.22 8.42 -18.64
C ARG A 493 -30.48 7.11 -19.38
N GLU A 494 -31.48 7.12 -20.24
CA GLU A 494 -31.81 5.97 -21.10
C GLU A 494 -30.76 5.82 -22.20
N PHE A 495 -30.25 6.95 -22.68
CA PHE A 495 -29.26 6.97 -23.76
C PHE A 495 -28.03 7.77 -23.39
N LEU A 496 -26.88 7.29 -23.85
CA LEU A 496 -25.59 7.93 -23.62
C LEU A 496 -25.60 9.40 -24.07
N GLU A 497 -26.22 9.64 -25.23
CA GLU A 497 -26.26 10.97 -25.83
C GLU A 497 -27.07 11.97 -25.01
N ASP A 498 -27.92 11.46 -24.12
CA ASP A 498 -28.82 12.30 -23.32
C ASP A 498 -28.17 12.89 -22.07
N TYR A 499 -26.96 12.45 -21.73
CA TYR A 499 -26.31 12.91 -20.50
C TYR A 499 -26.06 14.41 -20.46
N GLU A 500 -26.24 14.98 -19.29
CA GLU A 500 -26.06 16.42 -19.13
C GLU A 500 -25.01 16.68 -18.08
N GLU A 501 -24.40 17.86 -18.14
CA GLU A 501 -23.39 18.27 -17.17
C GLU A 501 -23.97 18.22 -15.74
N GLY A 502 -25.26 18.55 -15.62
CA GLY A 502 -25.96 18.52 -14.33
C GLY A 502 -26.32 17.14 -13.81
N ASP A 503 -26.06 16.10 -14.59
CA ASP A 503 -26.31 14.71 -14.16
C ASP A 503 -25.22 14.18 -13.22
N MET A 504 -24.08 14.87 -13.20
CA MET A 504 -22.93 14.44 -12.43
C MET A 504 -22.31 15.57 -11.62
N GLU A 505 -21.59 15.19 -10.57
CA GLU A 505 -20.95 16.16 -9.71
C GLU A 505 -19.54 15.73 -9.34
N VAL A 506 -18.59 16.66 -9.42
CA VAL A 506 -17.24 16.46 -8.94
C VAL A 506 -17.18 16.82 -7.45
N ILE A 507 -16.83 15.86 -6.62
CA ILE A 507 -16.79 16.08 -5.17
C ILE A 507 -15.36 16.03 -4.63
N ASP A 508 -15.13 16.71 -3.51
CA ASP A 508 -13.84 16.71 -2.81
C ASP A 508 -12.67 17.11 -3.70
N TYR A 509 -12.91 18.14 -4.51
CA TYR A 509 -11.90 18.78 -5.32
C TYR A 509 -11.38 19.99 -4.56
N ALA A 510 -10.14 19.90 -4.11
CA ALA A 510 -9.52 20.97 -3.34
C ALA A 510 -8.19 21.42 -3.95
N PRO A 511 -8.24 22.10 -5.12
CA PRO A 511 -7.03 22.53 -5.79
C PRO A 511 -6.38 23.74 -5.10
N TYR A 512 -5.11 23.99 -5.43
CA TYR A 512 -4.39 25.14 -4.93
C TYR A 512 -4.91 26.42 -5.58
N PRO A 513 -4.78 27.57 -4.88
CA PRO A 513 -5.25 28.84 -5.43
C PRO A 513 -4.46 29.27 -6.65
N PRO A 514 -5.03 30.19 -7.47
CA PRO A 514 -4.30 30.79 -8.60
C PRO A 514 -2.87 31.20 -8.23
N ILE A 515 -1.93 30.81 -9.10
CA ILE A 515 -0.48 30.99 -8.89
C ILE A 515 -0.02 32.33 -8.30
N MET B 1 25.43 -10.61 41.03
CA MET B 1 25.03 -11.91 40.40
C MET B 1 24.28 -11.67 39.08
N SER B 2 23.41 -10.66 39.10
CA SER B 2 22.58 -10.27 37.96
C SER B 2 22.48 -8.74 37.89
N LEU B 3 23.37 -8.06 38.63
CA LEU B 3 23.42 -6.61 38.68
C LEU B 3 24.00 -6.03 37.38
N PHE B 4 24.79 -6.85 36.68
CA PHE B 4 25.45 -6.43 35.45
C PHE B 4 24.65 -6.85 34.22
N LYS B 5 23.54 -7.55 34.44
CA LYS B 5 22.63 -7.96 33.36
C LYS B 5 21.60 -6.87 33.05
N ILE B 6 20.84 -7.07 31.98
CA ILE B 6 19.85 -6.10 31.52
C ILE B 6 18.44 -6.63 31.79
N ARG B 7 17.74 -6.00 32.72
CA ARG B 7 16.38 -6.40 33.07
C ARG B 7 15.39 -5.96 32.01
N MET B 8 14.56 -6.91 31.57
CA MET B 8 13.49 -6.63 30.62
C MET B 8 12.38 -5.87 31.35
N PRO B 9 11.62 -5.04 30.61
CA PRO B 9 10.44 -4.39 31.19
C PRO B 9 9.24 -5.34 31.29
N GLU B 10 8.16 -4.89 31.95
CA GLU B 10 6.92 -5.66 32.08
C GLU B 10 6.29 -5.96 30.71
N THR B 11 6.63 -5.13 29.73
CA THR B 11 6.04 -5.20 28.38
C THR B 11 6.88 -6.03 27.39
N VAL B 12 7.42 -7.16 27.85
CA VAL B 12 8.35 -7.97 27.03
C VAL B 12 7.72 -8.56 25.77
N ALA B 13 6.61 -9.28 25.96
CA ALA B 13 5.95 -10.04 24.88
C ALA B 13 5.00 -9.21 24.02
N GLU B 14 4.70 -7.99 24.46
CA GLU B 14 3.70 -7.13 23.80
C GLU B 14 4.09 -6.72 22.38
N GLY B 15 5.35 -6.36 22.20
CA GLY B 15 5.84 -5.83 20.92
C GLY B 15 6.12 -6.88 19.86
N THR B 16 6.11 -8.16 20.27
CA THR B 16 6.41 -9.28 19.36
C THR B 16 5.36 -10.41 19.42
N ARG B 17 4.20 -10.12 19.98
CA ARG B 17 3.09 -11.08 19.98
C ARG B 17 2.47 -11.14 18.57
N LEU B 18 2.29 -12.37 18.09
CA LEU B 18 1.71 -12.60 16.76
C LEU B 18 0.22 -12.33 16.81
N ALA B 19 -0.23 -11.36 16.01
CA ALA B 19 -1.65 -11.04 15.94
C ALA B 19 -2.37 -12.06 15.04
N LEU B 20 -1.78 -12.32 13.88
CA LEU B 20 -2.36 -13.18 12.83
C LEU B 20 -1.29 -14.10 12.25
N ARG B 21 -1.65 -15.36 12.00
CA ARG B 21 -0.74 -16.33 11.38
C ARG B 21 -0.77 -16.28 9.83
N ALA B 22 0.37 -16.48 9.20
CA ALA B 22 0.46 -16.51 7.73
C ALA B 22 -0.19 -17.76 7.12
N PHE B 23 -0.54 -17.67 5.84
CA PHE B 23 -1.28 -18.72 5.16
C PHE B 23 -1.10 -18.64 3.65
N SER B 24 -1.46 -19.72 2.97
CA SER B 24 -1.48 -19.77 1.51
C SER B 24 -2.92 -20.03 1.06
N LEU B 25 -3.21 -19.77 -0.21
CA LEU B 25 -4.54 -19.95 -0.76
C LEU B 25 -4.54 -20.93 -1.94
N VAL B 26 -5.52 -21.83 -1.95
CA VAL B 26 -5.72 -22.76 -3.06
C VAL B 26 -7.13 -22.55 -3.63
N VAL B 27 -7.20 -22.42 -4.94
CA VAL B 27 -8.47 -22.19 -5.63
C VAL B 27 -8.47 -22.82 -7.04
N ALA B 28 -9.65 -23.25 -7.48
CA ALA B 28 -9.86 -23.69 -8.86
C ALA B 28 -10.89 -22.75 -9.51
N VAL B 29 -10.54 -22.20 -10.67
CA VAL B 29 -11.43 -21.26 -11.35
C VAL B 29 -11.68 -21.69 -12.79
N ASP B 30 -12.77 -21.20 -13.38
CA ASP B 30 -12.99 -21.33 -14.82
C ASP B 30 -12.32 -20.16 -15.56
N GLU B 31 -12.45 -20.14 -16.88
CA GLU B 31 -11.76 -19.19 -17.76
C GLU B 31 -12.16 -17.73 -17.52
N ARG B 32 -13.29 -17.53 -16.85
CA ARG B 32 -13.77 -16.19 -16.50
C ARG B 32 -13.45 -15.84 -15.04
N GLY B 33 -12.73 -16.73 -14.37
CA GLY B 33 -12.35 -16.53 -12.96
C GLY B 33 -13.43 -16.89 -11.97
N GLY B 34 -14.52 -17.49 -12.47
CA GLY B 34 -15.70 -17.77 -11.67
C GLY B 34 -15.56 -18.88 -10.65
N ILE B 35 -16.43 -18.84 -9.65
CA ILE B 35 -16.41 -19.75 -8.49
C ILE B 35 -15.07 -19.78 -7.77
N TRP B 43 -14.40 -28.71 -12.62
CA TRP B 43 -15.49 -29.67 -12.47
C TRP B 43 -15.01 -31.07 -12.83
N ASN B 44 -14.76 -31.85 -11.78
CA ASN B 44 -14.07 -33.17 -11.84
C ASN B 44 -12.88 -33.30 -12.79
N VAL B 45 -11.79 -32.64 -12.42
CA VAL B 45 -10.48 -32.83 -13.04
C VAL B 45 -9.60 -33.52 -11.99
N PRO B 46 -9.41 -34.85 -12.11
CA PRO B 46 -8.72 -35.67 -11.09
C PRO B 46 -7.30 -35.19 -10.77
N GLU B 47 -6.60 -34.66 -11.78
CA GLU B 47 -5.25 -34.11 -11.60
C GLU B 47 -5.25 -32.88 -10.71
N ASP B 48 -6.33 -32.10 -10.76
CA ASP B 48 -6.49 -30.95 -9.89
C ASP B 48 -6.77 -31.38 -8.45
N MET B 49 -7.49 -32.48 -8.29
CA MET B 49 -7.79 -33.04 -6.96
C MET B 49 -6.52 -33.60 -6.30
N LYS B 50 -5.71 -34.32 -7.07
CA LYS B 50 -4.42 -34.82 -6.60
C LYS B 50 -3.49 -33.68 -6.20
N PHE B 51 -3.46 -32.62 -7.02
CA PHE B 51 -2.69 -31.42 -6.71
C PHE B 51 -3.19 -30.78 -5.41
N PHE B 52 -4.50 -30.58 -5.31
CA PHE B 52 -5.14 -30.03 -4.10
C PHE B 52 -4.75 -30.80 -2.83
N ARG B 53 -4.78 -32.13 -2.93
CA ARG B 53 -4.41 -32.99 -1.80
C ARG B 53 -2.92 -32.86 -1.46
N ASP B 54 -2.07 -32.97 -2.48
CA ASP B 54 -0.62 -32.93 -2.29
C ASP B 54 -0.12 -31.62 -1.68
N VAL B 55 -0.62 -30.49 -2.19
CA VAL B 55 -0.21 -29.17 -1.71
C VAL B 55 -0.58 -28.97 -0.25
N THR B 56 -1.80 -29.33 0.11
CA THR B 56 -2.33 -29.07 1.44
C THR B 56 -1.87 -30.08 2.50
N THR B 57 -1.66 -31.33 2.08
CA THR B 57 -1.30 -32.40 3.01
C THR B 57 0.21 -32.48 3.34
N LYS B 58 1.04 -32.28 2.32
CA LYS B 58 2.48 -32.52 2.45
C LYS B 58 3.24 -31.47 3.23
N LEU B 59 4.18 -31.94 4.06
CA LEU B 59 5.08 -31.10 4.82
C LEU B 59 6.38 -30.94 4.06
N ARG B 60 7.21 -29.98 4.46
CA ARG B 60 8.47 -29.66 3.75
C ARG B 60 9.59 -30.66 4.04
N PRO B 66 3.02 -36.92 8.72
CA PRO B 66 2.22 -35.87 9.34
C PRO B 66 1.50 -36.35 10.60
N SER B 67 1.63 -35.57 11.67
CA SER B 67 1.21 -35.98 13.01
C SER B 67 0.43 -34.85 13.70
N PRO B 68 -0.34 -35.18 14.77
CA PRO B 68 -0.99 -34.14 15.59
C PRO B 68 -0.04 -33.09 16.18
N ALA B 69 1.27 -33.30 16.03
CA ALA B 69 2.29 -32.35 16.46
C ALA B 69 2.92 -31.59 15.29
N LYS B 70 2.86 -32.19 14.10
CA LYS B 70 3.40 -31.57 12.87
C LYS B 70 2.51 -31.88 11.66
N ARG B 71 1.63 -30.93 11.34
CA ARG B 71 0.68 -31.09 10.24
C ARG B 71 0.32 -29.73 9.60
N ASN B 72 -0.39 -29.78 8.48
CA ASN B 72 -0.93 -28.57 7.85
C ASN B 72 -2.38 -28.32 8.24
N ALA B 73 -2.76 -27.05 8.31
CA ALA B 73 -4.15 -26.69 8.56
C ALA B 73 -4.84 -26.25 7.27
N VAL B 74 -6.13 -26.52 7.20
CA VAL B 74 -6.98 -26.11 6.09
C VAL B 74 -8.16 -25.33 6.66
N VAL B 75 -8.33 -24.08 6.20
CA VAL B 75 -9.42 -23.22 6.67
C VAL B 75 -10.49 -23.11 5.59
N MET B 76 -11.73 -23.40 5.96
CA MET B 76 -12.83 -23.40 5.01
C MET B 76 -14.11 -22.80 5.59
N GLY B 77 -14.92 -22.19 4.73
CA GLY B 77 -16.26 -21.75 5.10
C GLY B 77 -17.14 -22.97 5.36
N ARG B 78 -18.29 -22.74 5.99
CA ARG B 78 -19.18 -23.82 6.40
C ARG B 78 -19.75 -24.62 5.21
N LYS B 79 -20.14 -23.93 4.15
CA LYS B 79 -20.73 -24.59 2.96
C LYS B 79 -19.71 -25.41 2.18
N THR B 80 -18.45 -25.00 2.21
CA THR B 80 -17.37 -25.78 1.60
C THR B 80 -17.22 -27.12 2.34
N TRP B 81 -17.36 -27.09 3.66
CA TRP B 81 -17.41 -28.28 4.50
C TRP B 81 -18.61 -29.15 4.10
N ASP B 82 -19.75 -28.50 3.93
CA ASP B 82 -20.99 -29.16 3.50
C ASP B 82 -20.84 -29.87 2.15
N SER B 83 -20.05 -29.28 1.25
CA SER B 83 -19.88 -29.79 -0.11
C SER B 83 -18.87 -30.93 -0.22
N ILE B 84 -18.12 -31.19 0.86
CA ILE B 84 -17.24 -32.36 0.89
C ILE B 84 -18.09 -33.58 1.23
N PRO B 85 -18.11 -34.58 0.32
CA PRO B 85 -18.96 -35.76 0.52
C PRO B 85 -18.55 -36.53 1.78
N PRO B 86 -19.50 -36.78 2.67
CA PRO B 86 -19.20 -37.40 3.96
C PRO B 86 -18.28 -38.61 3.81
N LYS B 87 -17.33 -38.74 4.73
CA LYS B 87 -16.39 -39.86 4.69
C LYS B 87 -15.07 -39.43 4.04
N PHE B 88 -15.16 -38.49 3.10
CA PHE B 88 -14.00 -37.70 2.71
C PHE B 88 -13.70 -36.61 3.73
N ARG B 89 -14.70 -36.28 4.56
CA ARG B 89 -14.52 -35.33 5.63
C ARG B 89 -14.39 -36.05 6.98
N PRO B 90 -13.47 -35.57 7.86
CA PRO B 90 -12.58 -34.45 7.63
C PRO B 90 -11.51 -34.79 6.61
N LEU B 91 -10.98 -33.77 5.94
CA LEU B 91 -9.88 -33.96 4.99
C LEU B 91 -8.67 -34.54 5.72
N PRO B 92 -8.27 -35.78 5.35
CA PRO B 92 -7.26 -36.58 6.07
C PRO B 92 -5.87 -35.97 6.11
N GLY B 93 -5.20 -36.11 7.26
CA GLY B 93 -3.85 -35.59 7.47
C GLY B 93 -3.73 -34.09 7.68
N ARG B 94 -4.86 -33.40 7.74
CA ARG B 94 -4.86 -31.96 7.96
C ARG B 94 -5.79 -31.57 9.09
N LEU B 95 -5.43 -30.53 9.84
CA LEU B 95 -6.39 -29.91 10.75
C LEU B 95 -7.42 -29.19 9.89
N ASN B 96 -8.69 -29.51 10.13
CA ASN B 96 -9.78 -28.88 9.39
C ASN B 96 -10.39 -27.75 10.23
N VAL B 97 -10.25 -26.53 9.73
CA VAL B 97 -10.77 -25.35 10.42
C VAL B 97 -11.99 -24.83 9.67
N VAL B 98 -13.15 -24.96 10.30
CA VAL B 98 -14.41 -24.59 9.65
C VAL B 98 -14.99 -23.33 10.27
N LEU B 99 -15.16 -22.31 9.44
CA LEU B 99 -15.75 -21.04 9.88
C LEU B 99 -17.26 -21.19 9.89
N SER B 100 -17.87 -20.87 11.03
CA SER B 100 -19.31 -21.03 11.21
C SER B 100 -19.83 -20.24 12.39
N SER B 101 -20.89 -19.48 12.17
CA SER B 101 -21.58 -18.78 13.26
C SER B 101 -22.71 -19.64 13.83
N THR B 102 -23.13 -20.65 13.06
CA THR B 102 -24.23 -21.54 13.46
C THR B 102 -23.75 -22.86 14.08
N LEU B 103 -22.64 -23.39 13.59
CA LEU B 103 -22.17 -24.73 13.96
C LEU B 103 -20.91 -24.71 14.83
N THR B 104 -20.96 -25.45 15.94
CA THR B 104 -19.80 -25.63 16.80
C THR B 104 -19.03 -26.88 16.36
N THR B 105 -17.84 -27.08 16.92
CA THR B 105 -17.02 -28.25 16.60
C THR B 105 -17.71 -29.57 16.98
N GLN B 106 -18.57 -29.51 18.01
CA GLN B 106 -19.44 -30.63 18.36
C GLN B 106 -20.48 -30.90 17.27
N HIS B 107 -21.07 -29.84 16.72
CA HIS B 107 -22.05 -29.95 15.63
C HIS B 107 -21.43 -30.59 14.38
N LEU B 108 -20.24 -30.13 13.99
CA LEU B 108 -19.55 -30.66 12.80
C LEU B 108 -19.26 -32.15 12.95
N LEU B 109 -18.87 -32.54 14.16
CA LEU B 109 -18.56 -33.91 14.50
C LEU B 109 -19.80 -34.80 14.53
N ASP B 110 -20.93 -34.20 14.93
CA ASP B 110 -22.23 -34.88 14.94
C ASP B 110 -22.70 -35.26 13.54
N GLY B 111 -22.29 -34.48 12.54
CA GLY B 111 -22.64 -34.73 11.15
C GLY B 111 -21.94 -35.92 10.53
N LEU B 112 -20.92 -36.43 11.22
CA LEU B 112 -20.13 -37.57 10.74
C LEU B 112 -20.80 -38.91 11.03
N LYS B 117 -14.39 -42.26 11.95
CA LYS B 117 -15.56 -41.39 12.00
C LYS B 117 -15.43 -40.38 13.14
N ARG B 118 -16.27 -40.55 14.17
CA ARG B 118 -16.14 -39.76 15.39
C ARG B 118 -15.06 -40.33 16.31
N ASN B 119 -14.85 -39.66 17.43
CA ASN B 119 -13.88 -40.11 18.42
C ASN B 119 -12.44 -39.76 18.02
N LEU B 120 -11.94 -40.41 16.98
CA LEU B 120 -10.53 -40.33 16.63
C LEU B 120 -10.25 -39.11 15.76
N HIS B 121 -11.31 -38.51 15.23
CA HIS B 121 -11.19 -37.31 14.41
C HIS B 121 -11.48 -36.06 15.23
N ALA B 122 -11.63 -36.23 16.54
CA ALA B 122 -11.88 -35.10 17.44
C ALA B 122 -10.72 -34.10 17.43
N ASP B 123 -9.50 -34.63 17.31
CA ASP B 123 -8.29 -33.81 17.25
C ASP B 123 -8.02 -33.21 15.86
N SER B 124 -8.92 -33.48 14.91
CA SER B 124 -8.74 -33.05 13.52
C SER B 124 -9.66 -31.92 13.04
N ILE B 125 -10.72 -31.61 13.78
CA ILE B 125 -11.61 -30.50 13.41
C ILE B 125 -11.79 -29.47 14.52
N VAL B 126 -11.89 -28.21 14.12
CA VAL B 126 -12.21 -27.12 15.03
C VAL B 126 -13.07 -26.11 14.30
N ALA B 127 -14.18 -25.73 14.91
CA ALA B 127 -15.03 -24.66 14.39
C ALA B 127 -14.55 -23.31 14.92
N VAL B 128 -14.58 -22.31 14.07
CA VAL B 128 -14.25 -20.93 14.44
C VAL B 128 -15.49 -20.09 14.24
N ASN B 129 -15.97 -19.48 15.32
CA ASN B 129 -17.08 -18.55 15.25
C ASN B 129 -16.59 -17.17 14.81
N GLY B 130 -16.36 -17.05 13.50
CA GLY B 130 -15.84 -15.82 12.91
C GLY B 130 -15.30 -16.08 11.52
N GLY B 131 -14.62 -15.08 10.96
CA GLY B 131 -14.04 -15.18 9.62
C GLY B 131 -12.61 -15.68 9.63
N LEU B 132 -11.95 -15.52 8.48
CA LEU B 132 -10.58 -16.00 8.29
C LEU B 132 -9.61 -15.36 9.27
N GLU B 133 -9.80 -14.06 9.52
CA GLU B 133 -8.96 -13.30 10.44
C GLU B 133 -8.97 -13.95 11.83
N GLN B 134 -10.18 -14.21 12.33
CA GLN B 134 -10.40 -14.86 13.61
C GLN B 134 -9.79 -16.27 13.66
N ALA B 135 -9.85 -16.98 12.53
CA ALA B 135 -9.23 -18.30 12.40
C ALA B 135 -7.70 -18.17 12.39
N LEU B 136 -7.20 -17.09 11.80
CA LEU B 136 -5.76 -16.84 11.76
C LEU B 136 -5.22 -16.38 13.12
N GLN B 137 -6.06 -15.70 13.90
CA GLN B 137 -5.76 -15.37 15.29
C GLN B 137 -5.59 -16.63 16.12
N LEU B 138 -6.55 -17.55 15.99
CA LEU B 138 -6.51 -18.83 16.69
C LEU B 138 -5.26 -19.65 16.35
N LEU B 139 -4.92 -19.70 15.08
CA LEU B 139 -3.80 -20.52 14.63
C LEU B 139 -2.47 -19.87 15.01
N ALA B 140 -2.50 -18.56 15.27
CA ALA B 140 -1.34 -17.81 15.74
C ALA B 140 -0.99 -18.11 17.19
N SER B 141 -1.99 -18.52 17.97
CA SER B 141 -1.81 -18.91 19.37
C SER B 141 -0.84 -20.10 19.53
N PRO B 142 -0.13 -20.18 20.68
CA PRO B 142 0.92 -21.18 20.95
C PRO B 142 0.50 -22.62 20.72
N ASN B 143 -0.80 -22.87 20.81
CA ASN B 143 -1.35 -24.21 20.64
C ASN B 143 -1.18 -24.75 19.22
N TYR B 144 -1.24 -23.83 18.25
CA TYR B 144 -1.19 -24.18 16.82
C TYR B 144 0.05 -23.61 16.12
N THR B 145 0.80 -22.76 16.82
CA THR B 145 2.06 -22.22 16.33
C THR B 145 3.17 -22.69 17.27
N PRO B 146 4.19 -23.37 16.74
CA PRO B 146 4.41 -23.71 15.34
C PRO B 146 4.05 -25.16 14.98
N SER B 147 3.20 -25.79 15.80
CA SER B 147 2.79 -27.18 15.59
C SER B 147 2.15 -27.40 14.22
N ILE B 148 1.52 -26.36 13.70
CA ILE B 148 0.99 -26.37 12.33
C ILE B 148 1.96 -25.68 11.37
N GLU B 149 2.40 -26.44 10.36
CA GLU B 149 3.42 -25.95 9.42
C GLU B 149 2.91 -24.90 8.44
N THR B 150 1.93 -25.27 7.61
CA THR B 150 1.31 -24.32 6.69
C THR B 150 -0.21 -24.30 6.83
N VAL B 151 -0.77 -23.09 6.85
CA VAL B 151 -2.22 -22.89 6.81
C VAL B 151 -2.63 -22.71 5.35
N TYR B 152 -3.64 -23.47 4.94
CA TYR B 152 -4.21 -23.30 3.60
C TYR B 152 -5.64 -22.80 3.68
N CYS B 153 -5.91 -21.67 3.04
CA CYS B 153 -7.27 -21.20 2.86
C CYS B 153 -7.84 -21.86 1.60
N ILE B 154 -8.93 -22.59 1.76
CA ILE B 154 -9.59 -23.26 0.65
C ILE B 154 -11.05 -22.85 0.58
N GLY B 155 -11.46 -22.04 1.56
CA GLY B 155 -12.87 -21.76 1.86
C GLY B 155 -13.52 -21.03 0.71
N GLY B 156 -14.86 -20.95 0.75
CA GLY B 156 -15.61 -20.41 -0.37
C GLY B 156 -15.46 -18.92 -0.62
N GLY B 157 -16.30 -18.41 -1.51
CA GLY B 157 -16.23 -17.03 -1.97
C GLY B 157 -15.95 -16.00 -0.89
N SER B 158 -16.72 -16.06 0.21
CA SER B 158 -16.63 -15.07 1.29
C SER B 158 -15.29 -15.13 2.01
N VAL B 159 -14.73 -16.33 2.14
CA VAL B 159 -13.44 -16.53 2.79
C VAL B 159 -12.30 -16.01 1.89
N TYR B 160 -12.38 -16.32 0.59
CA TYR B 160 -11.42 -15.82 -0.40
C TYR B 160 -11.42 -14.29 -0.45
N ALA B 161 -12.61 -13.70 -0.40
CA ALA B 161 -12.76 -12.24 -0.41
C ALA B 161 -12.04 -11.61 0.78
N GLU B 162 -12.16 -12.24 1.94
CA GLU B 162 -11.46 -11.80 3.15
C GLU B 162 -9.94 -12.02 3.05
N ALA B 163 -9.53 -13.08 2.37
CA ALA B 163 -8.11 -13.40 2.16
C ALA B 163 -7.39 -12.38 1.28
N LEU B 164 -8.11 -11.79 0.33
CA LEU B 164 -7.53 -10.88 -0.66
C LEU B 164 -7.73 -9.41 -0.34
N ARG B 165 -8.02 -9.13 0.93
CA ARG B 165 -8.10 -7.75 1.44
C ARG B 165 -7.42 -7.66 2.80
N PRO B 166 -6.94 -6.46 3.18
CA PRO B 166 -6.36 -6.28 4.51
C PRO B 166 -7.41 -6.47 5.63
N PRO B 167 -6.97 -6.96 6.80
CA PRO B 167 -5.58 -7.31 7.16
C PRO B 167 -5.03 -8.64 6.63
N CYS B 168 -5.90 -9.59 6.30
CA CYS B 168 -5.45 -10.95 5.94
C CYS B 168 -4.50 -11.06 4.74
N VAL B 169 -4.68 -10.21 3.74
CA VAL B 169 -3.86 -10.26 2.52
C VAL B 169 -2.36 -10.10 2.81
N HIS B 170 -2.05 -9.36 3.88
CA HIS B 170 -0.66 -9.10 4.30
C HIS B 170 0.02 -10.35 4.87
N LEU B 171 -0.75 -11.42 5.06
CA LEU B 171 -0.24 -12.68 5.60
C LEU B 171 -0.30 -13.81 4.57
N LEU B 172 -0.70 -13.46 3.34
CA LEU B 172 -0.87 -14.46 2.28
C LEU B 172 0.46 -14.64 1.58
N GLN B 173 1.03 -15.84 1.72
CA GLN B 173 2.37 -16.13 1.24
C GLN B 173 2.34 -16.62 -0.21
N ALA B 174 1.24 -17.24 -0.62
CA ALA B 174 1.14 -17.80 -1.97
C ALA B 174 -0.29 -18.14 -2.37
N ILE B 175 -0.54 -18.07 -3.67
CA ILE B 175 -1.84 -18.38 -4.25
C ILE B 175 -1.62 -19.47 -5.28
N TYR B 176 -2.21 -20.64 -5.03
CA TYR B 176 -2.18 -21.75 -5.98
C TYR B 176 -3.50 -21.75 -6.71
N ARG B 177 -3.48 -21.34 -7.97
CA ARG B 177 -4.70 -21.27 -8.75
C ARG B 177 -4.65 -22.25 -9.92
N THR B 178 -5.63 -23.16 -9.94
CA THR B 178 -5.87 -23.98 -11.11
C THR B 178 -6.95 -23.30 -11.96
N THR B 179 -6.66 -23.11 -13.24
CA THR B 179 -7.65 -22.59 -14.17
C THR B 179 -8.11 -23.74 -15.07
N ILE B 180 -9.42 -23.99 -15.06
CA ILE B 180 -10.02 -25.11 -15.78
C ILE B 180 -10.87 -24.62 -16.95
N ARG B 181 -10.64 -25.21 -18.12
CA ARG B 181 -11.51 -25.01 -19.27
C ARG B 181 -11.72 -26.31 -20.07
N VAL B 189 -19.75 -15.94 -8.43
CA VAL B 189 -18.72 -15.30 -7.61
C VAL B 189 -17.39 -15.38 -8.36
N PHE B 190 -16.70 -14.25 -8.48
CA PHE B 190 -15.48 -14.17 -9.30
C PHE B 190 -14.22 -13.95 -8.46
N PHE B 191 -13.23 -14.82 -8.65
CA PHE B 191 -11.96 -14.72 -7.93
C PHE B 191 -11.00 -13.74 -8.61
N ARG B 192 -10.65 -12.69 -7.89
CA ARG B 192 -9.88 -11.59 -8.47
C ARG B 192 -8.65 -11.25 -7.64
N VAL B 193 -7.48 -11.36 -8.26
CA VAL B 193 -6.22 -10.95 -7.62
C VAL B 193 -5.96 -9.49 -8.01
N PRO B 194 -5.78 -8.62 -7.01
CA PRO B 194 -5.59 -7.20 -7.31
C PRO B 194 -4.33 -6.95 -8.11
N GLU B 195 -4.44 -6.13 -9.15
CA GLU B 195 -3.32 -5.76 -10.02
C GLU B 195 -2.38 -4.79 -9.30
N SER B 196 -1.08 -4.87 -9.61
CA SER B 196 -0.08 -4.04 -8.95
C SER B 196 -0.37 -2.56 -9.15
N GLY B 197 -0.12 -1.77 -8.10
CA GLY B 197 -0.35 -0.33 -8.15
C GLY B 197 -1.80 0.07 -7.87
N THR B 198 -2.67 -0.93 -7.74
CA THR B 198 -4.08 -0.71 -7.44
C THR B 198 -4.26 -0.45 -5.95
N GLU B 199 -5.25 0.38 -5.60
CA GLU B 199 -5.65 0.59 -4.21
C GLU B 199 -6.05 -0.73 -3.56
N ALA B 200 -6.78 -1.55 -4.31
CA ALA B 200 -7.19 -2.89 -3.86
C ALA B 200 -6.00 -3.79 -3.51
N ALA B 201 -4.87 -3.60 -4.20
CA ALA B 201 -3.64 -4.35 -3.96
C ALA B 201 -2.96 -4.01 -2.63
N ALA B 202 -3.26 -2.84 -2.09
CA ALA B 202 -2.77 -2.44 -0.76
C ALA B 202 -1.24 -2.45 -0.67
N GLY B 203 -0.59 -2.00 -1.74
CA GLY B 203 0.86 -1.98 -1.80
C GLY B 203 1.51 -3.30 -2.10
N ILE B 204 0.72 -4.33 -2.39
CA ILE B 204 1.28 -5.65 -2.70
C ILE B 204 1.39 -5.83 -4.22
N GLU B 205 2.52 -6.39 -4.67
CA GLU B 205 2.71 -6.68 -6.09
C GLU B 205 2.69 -8.19 -6.37
N TRP B 206 1.55 -8.68 -6.86
CA TRP B 206 1.40 -10.12 -7.15
C TRP B 206 2.05 -10.51 -8.48
N GLN B 207 2.73 -11.65 -8.48
CA GLN B 207 3.46 -12.12 -9.65
C GLN B 207 3.54 -13.65 -9.66
N ARG B 208 3.76 -14.22 -10.85
CA ARG B 208 3.84 -15.67 -11.00
C ARG B 208 5.23 -16.16 -10.68
N GLU B 209 5.32 -17.08 -9.72
CA GLU B 209 6.52 -17.89 -9.56
C GLU B 209 6.52 -18.89 -10.71
N THR B 210 5.39 -19.59 -10.89
CA THR B 210 5.24 -20.56 -11.98
C THR B 210 3.89 -20.48 -12.68
N ILE B 211 3.91 -20.81 -13.98
CA ILE B 211 2.71 -21.11 -14.75
C ILE B 211 3.02 -22.35 -15.62
N SER B 212 2.12 -23.32 -15.59
CA SER B 212 2.32 -24.55 -16.33
C SER B 212 1.87 -24.42 -17.78
N GLU B 213 2.26 -25.40 -18.60
CA GLU B 213 1.70 -25.61 -19.93
C GLU B 213 0.22 -25.91 -19.82
N GLU B 214 -0.53 -25.66 -20.89
CA GLU B 214 -1.92 -26.05 -20.94
C GLU B 214 -2.02 -27.57 -21.00
N LEU B 215 -2.47 -28.18 -19.91
CA LEU B 215 -2.54 -29.62 -19.78
C LEU B 215 -3.91 -30.17 -20.18
N THR B 216 -3.96 -31.47 -20.44
CA THR B 216 -5.19 -32.15 -20.83
C THR B 216 -5.53 -33.21 -19.78
N SER B 217 -6.76 -33.14 -19.27
CA SER B 217 -7.23 -34.07 -18.25
C SER B 217 -7.49 -35.46 -18.84
N ALA B 218 -7.34 -36.49 -18.01
CA ALA B 218 -7.76 -37.84 -18.37
C ALA B 218 -9.19 -38.11 -17.92
N ASN B 219 -10.14 -37.84 -18.81
CA ASN B 219 -11.55 -38.07 -18.53
C ASN B 219 -12.42 -37.98 -19.78
N GLY B 220 -13.72 -37.86 -19.58
CA GLY B 220 -14.60 -37.27 -20.58
C GLY B 220 -14.19 -35.86 -20.94
N ASN B 221 -14.47 -35.47 -22.18
CA ASN B 221 -14.46 -34.07 -22.57
C ASN B 221 -13.06 -33.54 -22.81
N GLU B 222 -12.06 -34.34 -22.46
CA GLU B 222 -10.64 -33.93 -22.60
C GLU B 222 -10.41 -32.48 -22.15
N THR B 223 -10.68 -32.24 -20.88
CA THR B 223 -10.71 -30.90 -20.30
C THR B 223 -9.32 -30.25 -20.26
N LYS B 224 -9.22 -29.02 -20.75
CA LYS B 224 -7.97 -28.27 -20.72
C LYS B 224 -7.84 -27.51 -19.41
N TYR B 225 -6.64 -27.50 -18.83
CA TYR B 225 -6.40 -26.88 -17.52
C TYR B 225 -4.91 -26.52 -17.32
N TYR B 226 -4.64 -25.54 -16.46
CA TYR B 226 -3.27 -25.15 -16.12
C TYR B 226 -3.13 -24.66 -14.67
N PHE B 227 -1.92 -24.77 -14.12
CA PHE B 227 -1.61 -24.37 -12.76
C PHE B 227 -0.84 -23.04 -12.73
N GLU B 228 -1.16 -22.21 -11.74
CA GLU B 228 -0.41 -20.98 -11.46
C GLU B 228 -0.04 -20.92 -10.00
N LYS B 229 1.21 -20.53 -9.71
CA LYS B 229 1.58 -20.16 -8.35
C LYS B 229 1.95 -18.67 -8.31
N LEU B 230 1.07 -17.88 -7.70
CA LEU B 230 1.29 -16.45 -7.58
C LEU B 230 1.86 -16.12 -6.22
N ILE B 231 2.86 -15.23 -6.18
CA ILE B 231 3.51 -14.84 -4.92
C ILE B 231 3.61 -13.31 -4.80
N PRO B 232 3.67 -12.79 -3.57
CA PRO B 232 3.83 -11.35 -3.44
C PRO B 232 5.30 -10.96 -3.60
N ARG B 233 5.57 -10.02 -4.49
CA ARG B 233 6.96 -9.66 -4.80
C ARG B 233 7.72 -9.21 -3.56
N ASN B 234 8.85 -9.89 -3.30
CA ASN B 234 9.73 -9.53 -2.19
C ASN B 234 10.86 -8.60 -2.68
N ARG B 235 10.58 -7.30 -2.67
CA ARG B 235 11.52 -6.29 -3.15
C ARG B 235 12.74 -6.16 -2.25
N GLU B 236 12.60 -6.52 -0.98
CA GLU B 236 13.69 -6.47 -0.02
C GLU B 236 14.79 -7.48 -0.31
N GLU B 237 14.39 -8.72 -0.60
CA GLU B 237 15.36 -9.76 -0.99
C GLU B 237 15.93 -9.47 -2.37
N GLU B 238 15.16 -8.75 -3.19
CA GLU B 238 15.63 -8.31 -4.50
C GLU B 238 16.82 -7.37 -4.42
N GLN B 239 16.89 -6.56 -3.37
CA GLN B 239 18.07 -5.71 -3.13
C GLN B 239 19.31 -6.57 -3.12
N TYR B 240 19.25 -7.66 -2.35
CA TYR B 240 20.37 -8.56 -2.17
C TYR B 240 20.75 -9.18 -3.51
N LEU B 241 19.76 -9.71 -4.23
CA LEU B 241 20.00 -10.39 -5.51
C LEU B 241 20.46 -9.42 -6.61
N SER B 242 19.92 -8.20 -6.58
CA SER B 242 20.34 -7.16 -7.50
C SER B 242 21.81 -6.78 -7.28
N LEU B 243 22.26 -6.81 -6.02
CA LEU B 243 23.66 -6.58 -5.66
C LEU B 243 24.58 -7.75 -6.07
N VAL B 244 24.15 -8.97 -5.81
CA VAL B 244 24.89 -10.15 -6.25
C VAL B 244 25.12 -10.06 -7.76
N ASP B 245 24.06 -9.73 -8.50
CA ASP B 245 24.11 -9.61 -9.96
C ASP B 245 25.12 -8.56 -10.42
N ARG B 246 25.11 -7.40 -9.78
CA ARG B 246 26.00 -6.30 -10.16
C ARG B 246 27.45 -6.65 -9.87
N ILE B 247 27.69 -7.33 -8.74
CA ILE B 247 29.03 -7.79 -8.39
C ILE B 247 29.60 -8.77 -9.44
N ILE B 248 28.75 -9.67 -9.94
CA ILE B 248 29.19 -10.64 -10.93
C ILE B 248 29.42 -10.01 -12.31
N ARG B 249 28.54 -9.09 -12.69
CA ARG B 249 28.57 -8.50 -14.02
C ARG B 249 29.58 -7.35 -14.12
N GLU B 250 29.79 -6.66 -13.01
CA GLU B 250 30.58 -5.43 -13.04
C GLU B 250 31.69 -5.33 -11.98
N GLY B 251 31.71 -6.27 -11.04
CA GLY B 251 32.68 -6.25 -9.96
C GLY B 251 34.13 -6.33 -10.40
N ASN B 252 35.02 -5.72 -9.61
CA ASN B 252 36.45 -5.79 -9.85
C ASN B 252 37.00 -7.16 -9.41
N VAL B 253 38.02 -7.67 -10.10
CA VAL B 253 38.63 -8.94 -9.71
C VAL B 253 39.80 -8.76 -8.75
N LYS B 254 39.74 -9.43 -7.61
CA LYS B 254 40.87 -9.50 -6.66
C LYS B 254 41.25 -10.97 -6.39
N HIS B 255 42.55 -11.22 -6.20
CA HIS B 255 43.06 -12.49 -5.68
C HIS B 255 43.85 -12.24 -4.40
N ASP B 256 43.40 -12.83 -3.28
CA ASP B 256 43.91 -12.48 -1.93
C ASP B 256 45.34 -12.95 -1.63
N ARG B 257 45.72 -12.83 -0.35
CA ARG B 257 47.04 -13.27 0.14
C ARG B 257 47.28 -14.78 -0.03
N THR B 258 46.22 -15.58 -0.06
CA THR B 258 46.34 -17.03 -0.34
C THR B 258 46.13 -17.36 -1.82
N GLY B 259 45.80 -16.34 -2.62
CA GLY B 259 45.54 -16.52 -4.04
C GLY B 259 44.10 -16.93 -4.34
N VAL B 260 43.18 -16.54 -3.45
CA VAL B 260 41.76 -16.85 -3.60
C VAL B 260 41.05 -15.72 -4.34
N GLY B 261 40.44 -16.07 -5.47
CA GLY B 261 39.77 -15.11 -6.34
C GLY B 261 38.44 -14.62 -5.83
N THR B 262 38.15 -13.35 -6.12
CA THR B 262 36.95 -12.68 -5.63
C THR B 262 36.50 -11.63 -6.65
N LEU B 263 35.19 -11.38 -6.71
CA LEU B 263 34.63 -10.24 -7.44
C LEU B 263 34.00 -9.31 -6.40
N SER B 264 34.30 -8.02 -6.47
CA SER B 264 33.83 -7.09 -5.44
C SER B 264 33.39 -5.74 -5.97
N ILE B 265 32.48 -5.11 -5.23
CA ILE B 265 32.17 -3.68 -5.38
C ILE B 265 32.38 -3.03 -4.01
N PHE B 266 32.34 -1.71 -3.97
CA PHE B 266 32.58 -1.01 -2.71
C PHE B 266 31.46 -0.01 -2.39
N GLY B 267 30.76 -0.25 -1.29
CA GLY B 267 29.73 0.66 -0.82
C GLY B 267 28.33 0.40 -1.35
N ALA B 268 27.47 -0.07 -0.46
CA ALA B 268 26.09 -0.40 -0.79
C ALA B 268 25.23 -0.30 0.47
N GLN B 269 23.92 -0.36 0.31
CA GLN B 269 23.01 -0.21 1.44
C GLN B 269 21.69 -0.91 1.15
N MET B 270 21.20 -1.64 2.14
CA MET B 270 19.93 -2.36 2.02
C MET B 270 19.05 -2.08 3.25
N ARG B 271 17.73 -2.14 3.07
CA ARG B 271 16.77 -1.95 4.16
C ARG B 271 15.83 -3.15 4.29
N PHE B 272 15.46 -3.48 5.53
CA PHE B 272 14.56 -4.61 5.78
C PHE B 272 13.60 -4.30 6.92
N SER B 273 12.30 -4.42 6.64
CA SER B 273 11.28 -4.21 7.65
C SER B 273 11.22 -5.37 8.66
N LEU B 274 11.09 -5.02 9.93
CA LEU B 274 11.02 -5.98 11.02
C LEU B 274 9.65 -5.92 11.71
N ARG B 275 8.74 -5.12 11.15
CA ARG B 275 7.42 -4.91 11.73
C ARG B 275 6.55 -6.15 11.62
N ASN B 276 5.68 -6.35 12.61
CA ASN B 276 4.72 -7.45 12.57
C ASN B 276 5.41 -8.81 12.47
N ASN B 277 6.43 -9.01 13.30
CA ASN B 277 7.01 -10.34 13.48
C ASN B 277 7.86 -10.77 12.29
N ARG B 278 7.96 -9.89 11.29
CA ARG B 278 8.67 -10.21 10.06
C ARG B 278 10.14 -10.47 10.32
N LEU B 279 10.68 -11.51 9.68
CA LEU B 279 12.09 -11.86 9.82
C LEU B 279 12.72 -12.02 8.45
N PRO B 280 13.68 -11.14 8.10
CA PRO B 280 14.31 -11.19 6.78
C PRO B 280 15.31 -12.35 6.61
N LEU B 281 14.83 -13.58 6.71
CA LEU B 281 15.60 -14.76 6.37
C LEU B 281 15.46 -15.00 4.89
N LEU B 282 16.57 -14.92 4.16
CA LEU B 282 16.54 -15.05 2.71
C LEU B 282 15.96 -16.40 2.26
N THR B 283 15.14 -16.34 1.23
CA THR B 283 14.40 -17.52 0.76
C THR B 283 15.00 -18.19 -0.47
N THR B 284 15.83 -17.47 -1.21
CA THR B 284 16.41 -18.03 -2.45
C THR B 284 17.56 -18.99 -2.16
N LYS B 285 18.04 -18.94 -0.92
CA LYS B 285 19.08 -19.82 -0.40
C LYS B 285 18.89 -19.87 1.11
N ARG B 286 18.65 -21.06 1.64
CA ARG B 286 18.41 -21.30 3.07
C ARG B 286 19.49 -20.71 3.98
N VAL B 287 19.04 -20.07 5.07
CA VAL B 287 19.92 -19.50 6.09
C VAL B 287 19.91 -20.37 7.35
N PHE B 288 21.10 -20.64 7.89
CA PHE B 288 21.27 -21.41 9.12
C PHE B 288 20.82 -20.59 10.34
N TRP B 289 19.50 -20.46 10.49
CA TRP B 289 18.90 -19.69 11.57
C TRP B 289 19.39 -20.09 12.96
N ARG B 290 19.42 -21.39 13.25
CA ARG B 290 19.81 -21.87 14.57
C ARG B 290 21.22 -21.39 14.95
N GLY B 291 22.14 -21.41 14.00
CA GLY B 291 23.47 -20.88 14.19
C GLY B 291 23.45 -19.37 14.39
N VAL B 292 22.67 -18.68 13.57
CA VAL B 292 22.49 -17.23 13.67
C VAL B 292 22.10 -16.85 15.10
N CYS B 293 21.08 -17.53 15.61
CA CYS B 293 20.45 -17.21 16.89
C CYS B 293 21.37 -17.54 18.09
N GLU B 294 21.95 -18.74 18.10
CA GLU B 294 22.90 -19.12 19.14
C GLU B 294 24.10 -18.16 19.21
N GLU B 295 24.63 -17.76 18.06
CA GLU B 295 25.78 -16.86 18.01
C GLU B 295 25.44 -15.45 18.50
N LEU B 296 24.27 -14.94 18.11
CA LEU B 296 23.87 -13.60 18.53
C LEU B 296 23.71 -13.49 20.04
N LEU B 297 23.01 -14.46 20.62
CA LEU B 297 22.84 -14.54 22.08
C LEU B 297 24.21 -14.60 22.75
N TRP B 298 25.12 -15.37 22.15
CA TRP B 298 26.50 -15.52 22.58
C TRP B 298 27.24 -14.17 22.53
N PHE B 299 27.01 -13.38 21.47
CA PHE B 299 27.53 -12.01 21.39
C PHE B 299 27.04 -11.16 22.57
N LEU B 300 25.71 -11.08 22.71
CA LEU B 300 25.05 -10.29 23.76
C LEU B 300 25.55 -10.60 25.16
N ARG B 301 25.84 -11.86 25.42
CA ARG B 301 26.36 -12.29 26.72
C ARG B 301 27.81 -11.85 26.96
N GLY B 302 28.49 -11.41 25.90
CA GLY B 302 29.89 -11.01 25.99
C GLY B 302 30.83 -12.20 25.93
N GLU B 303 30.36 -13.30 25.34
CA GLU B 303 31.14 -14.54 25.29
C GLU B 303 32.30 -14.46 24.31
N THR B 304 33.33 -15.27 24.58
CA THR B 304 34.55 -15.33 23.77
C THR B 304 35.01 -16.77 23.55
N TYR B 305 34.40 -17.70 24.28
CA TYR B 305 34.73 -19.13 24.19
C TYR B 305 33.79 -19.83 23.20
N ALA B 306 34.33 -20.13 22.03
CA ALA B 306 33.55 -20.66 20.91
C ALA B 306 33.10 -22.11 21.10
N LYS B 307 33.60 -22.75 22.16
CA LYS B 307 33.21 -24.12 22.50
C LYS B 307 31.78 -24.18 23.04
N LYS B 308 31.30 -23.05 23.54
CA LYS B 308 29.91 -22.93 23.97
C LYS B 308 28.95 -23.06 22.78
N LEU B 309 29.46 -22.78 21.58
CA LEU B 309 28.68 -22.89 20.34
C LEU B 309 28.81 -24.28 19.71
N SER B 310 30.03 -24.81 19.67
CA SER B 310 30.24 -26.13 19.07
C SER B 310 29.56 -27.23 19.89
N ASP B 311 29.49 -27.03 21.21
CA ASP B 311 28.72 -27.92 22.10
C ASP B 311 27.20 -27.76 21.93
N LYS B 312 26.80 -27.00 20.92
CA LYS B 312 25.39 -26.82 20.58
C LYS B 312 25.19 -27.16 19.11
N GLY B 313 26.24 -27.67 18.47
CA GLY B 313 26.17 -28.07 17.07
C GLY B 313 26.29 -26.90 16.12
N VAL B 314 26.83 -25.79 16.62
CA VAL B 314 27.13 -24.62 15.80
C VAL B 314 28.64 -24.55 15.63
N HIS B 315 29.11 -24.85 14.43
CA HIS B 315 30.55 -25.01 14.20
C HIS B 315 31.18 -23.90 13.37
N ILE B 316 30.49 -22.76 13.29
CA ILE B 316 30.94 -21.64 12.46
C ILE B 316 32.32 -21.08 12.87
N TRP B 317 32.68 -21.23 14.14
CA TRP B 317 33.93 -20.68 14.67
C TRP B 317 35.05 -21.70 14.85
N ASP B 318 34.79 -22.95 14.47
CA ASP B 318 35.73 -24.05 14.66
C ASP B 318 37.06 -23.83 13.96
N ASP B 319 37.02 -23.43 12.69
CA ASP B 319 38.24 -23.24 11.92
C ASP B 319 39.06 -22.02 12.37
N ASN B 320 38.43 -21.11 13.11
CA ASN B 320 39.13 -19.95 13.69
C ASN B 320 39.41 -20.07 15.19
N GLY B 321 39.02 -21.21 15.77
CA GLY B 321 39.28 -21.47 17.18
C GLY B 321 40.28 -22.58 17.44
N SER B 322 40.71 -23.26 16.37
CA SER B 322 41.64 -24.38 16.49
C SER B 322 43.02 -23.93 16.94
N ARG B 323 43.77 -24.82 17.58
CA ARG B 323 45.14 -24.52 18.00
C ARG B 323 45.98 -24.01 16.83
N ALA B 324 45.84 -24.66 15.68
CA ALA B 324 46.59 -24.30 14.48
C ALA B 324 46.34 -22.87 14.02
N PHE B 325 45.06 -22.49 13.93
CA PHE B 325 44.72 -21.13 13.51
C PHE B 325 45.12 -20.09 14.56
N LEU B 326 44.86 -20.38 15.83
CA LEU B 326 45.26 -19.51 16.92
C LEU B 326 46.75 -19.19 16.89
N ASP B 327 47.56 -20.23 16.72
CA ASP B 327 49.01 -20.11 16.57
C ASP B 327 49.43 -19.32 15.33
N SER B 328 48.64 -19.43 14.26
CA SER B 328 48.88 -18.70 13.02
C SER B 328 48.63 -17.19 13.17
N ARG B 329 47.87 -16.81 14.19
CA ARG B 329 47.69 -15.42 14.56
C ARG B 329 48.63 -15.04 15.70
N GLY B 330 49.54 -15.94 16.07
CA GLY B 330 50.43 -15.73 17.20
C GLY B 330 49.75 -15.66 18.55
N LEU B 331 48.50 -16.13 18.61
CA LEU B 331 47.75 -16.19 19.85
C LEU B 331 48.06 -17.51 20.57
N THR B 332 49.31 -17.61 21.03
CA THR B 332 49.92 -18.85 21.51
C THR B 332 49.50 -19.25 22.93
N GLU B 333 49.01 -18.27 23.70
CA GLU B 333 48.63 -18.48 25.11
C GLU B 333 47.13 -18.73 25.33
N TYR B 334 46.35 -18.61 24.26
CA TYR B 334 44.93 -18.97 24.30
C TYR B 334 44.78 -20.46 24.11
N GLU B 335 43.98 -21.10 24.97
CA GLU B 335 43.61 -22.49 24.78
C GLU B 335 42.58 -22.58 23.66
N GLU B 336 42.48 -23.77 23.06
CA GLU B 336 41.59 -24.00 21.92
C GLU B 336 40.20 -23.37 22.13
N MET B 337 39.68 -22.73 21.09
CA MET B 337 38.33 -22.13 21.08
C MET B 337 38.17 -20.81 21.88
N ASP B 338 39.25 -20.36 22.53
CA ASP B 338 39.26 -19.05 23.17
C ASP B 338 39.74 -18.04 22.14
N LEU B 339 38.83 -17.17 21.70
CA LEU B 339 39.07 -16.28 20.56
C LEU B 339 39.63 -14.91 20.95
N GLY B 340 39.81 -14.67 22.24
CA GLY B 340 40.22 -13.35 22.71
C GLY B 340 39.04 -12.40 22.78
N PRO B 341 39.32 -11.10 22.98
CA PRO B 341 38.28 -10.09 23.22
C PRO B 341 37.49 -9.68 21.95
N VAL B 342 36.99 -10.68 21.23
CA VAL B 342 36.29 -10.44 19.97
C VAL B 342 34.91 -9.82 20.22
N TYR B 343 34.33 -9.27 19.16
CA TYR B 343 32.89 -9.02 19.13
C TYR B 343 32.35 -8.78 20.54
N GLY B 344 31.58 -9.74 21.03
CA GLY B 344 30.66 -9.49 22.14
C GLY B 344 31.37 -9.01 23.39
N PHE B 345 32.63 -9.41 23.54
CA PHE B 345 33.48 -8.88 24.60
C PHE B 345 33.59 -7.36 24.52
N GLN B 346 33.73 -6.84 23.29
CA GLN B 346 33.79 -5.40 23.09
C GLN B 346 32.42 -4.74 23.32
N TRP B 347 31.35 -5.42 22.94
CA TRP B 347 29.99 -4.96 23.16
C TRP B 347 29.72 -4.65 24.64
N ARG B 348 30.13 -5.59 25.50
CA ARG B 348 29.83 -5.53 26.93
C ARG B 348 31.00 -5.07 27.81
N HIS B 349 32.22 -5.16 27.29
CA HIS B 349 33.41 -4.80 28.07
C HIS B 349 34.43 -4.03 27.21
N PHE B 350 33.99 -3.00 26.48
CA PHE B 350 34.92 -2.26 25.63
C PHE B 350 36.15 -1.76 26.40
N GLY B 351 37.33 -2.12 25.90
CA GLY B 351 38.60 -1.65 26.44
C GLY B 351 39.08 -2.38 27.68
N ALA B 352 38.39 -3.45 28.07
CA ALA B 352 38.80 -4.22 29.22
C ALA B 352 40.00 -5.08 28.87
N ALA B 353 40.88 -5.31 29.84
CA ALA B 353 42.05 -6.15 29.63
C ALA B 353 41.64 -7.62 29.57
N TYR B 354 42.04 -8.29 28.51
CA TYR B 354 41.68 -9.68 28.34
C TYR B 354 42.84 -10.61 28.66
N THR B 355 42.56 -11.66 29.41
CA THR B 355 43.54 -12.66 29.76
C THR B 355 43.09 -14.01 29.19
N HIS B 356 42.02 -14.56 29.75
CA HIS B 356 41.42 -15.81 29.28
C HIS B 356 39.89 -15.77 29.39
N HIS B 357 39.22 -16.68 28.68
CA HIS B 357 37.75 -16.71 28.63
C HIS B 357 37.06 -16.97 29.97
N ASP B 358 37.70 -17.74 30.84
CA ASP B 358 37.08 -18.15 32.10
C ASP B 358 37.19 -17.12 33.23
N ALA B 359 37.93 -16.04 33.00
CA ALA B 359 38.06 -14.97 33.98
C ALA B 359 36.73 -14.23 34.14
N ASN B 360 36.55 -13.56 35.27
CA ASN B 360 35.34 -12.80 35.55
C ASN B 360 35.51 -11.37 35.04
N TYR B 361 34.60 -10.94 34.17
CA TYR B 361 34.73 -9.62 33.54
C TYR B 361 33.63 -8.63 33.95
N ASP B 362 32.76 -9.06 34.86
CA ASP B 362 31.69 -8.19 35.39
C ASP B 362 32.22 -6.82 35.78
N GLY B 363 31.56 -5.78 35.28
CA GLY B 363 31.90 -4.39 35.61
C GLY B 363 33.15 -3.87 34.93
N GLN B 364 33.78 -4.71 34.13
CA GLN B 364 35.03 -4.36 33.47
C GLN B 364 34.72 -3.75 32.11
N GLY B 365 35.42 -2.67 31.77
CA GLY B 365 35.23 -1.98 30.50
C GLY B 365 33.90 -1.26 30.38
N VAL B 366 33.59 -0.80 29.17
CA VAL B 366 32.35 -0.08 28.93
C VAL B 366 31.27 -1.03 28.39
N ASP B 367 30.17 -1.14 29.13
CA ASP B 367 29.01 -1.90 28.68
C ASP B 367 28.15 -1.05 27.75
N GLN B 368 28.44 -1.13 26.46
CA GLN B 368 27.77 -0.31 25.43
C GLN B 368 26.32 -0.69 25.22
N ILE B 369 25.99 -1.98 25.29
CA ILE B 369 24.62 -2.44 25.11
C ILE B 369 23.69 -1.92 26.20
N LYS B 370 24.14 -2.00 27.46
CA LYS B 370 23.35 -1.56 28.61
C LYS B 370 23.15 -0.04 28.59
N ALA B 371 24.18 0.69 28.16
CA ALA B 371 24.09 2.14 28.03
C ALA B 371 23.08 2.54 26.97
N ILE B 372 23.07 1.80 25.86
CA ILE B 372 22.13 2.05 24.76
C ILE B 372 20.69 1.75 25.22
N VAL B 373 20.49 0.61 25.87
CA VAL B 373 19.19 0.26 26.42
C VAL B 373 18.64 1.36 27.35
N GLU B 374 19.46 1.87 28.26
CA GLU B 374 19.02 2.92 29.18
C GLU B 374 18.70 4.25 28.47
N THR B 375 19.48 4.60 27.46
CA THR B 375 19.25 5.80 26.67
C THR B 375 17.95 5.69 25.85
N LEU B 376 17.75 4.51 25.25
CA LEU B 376 16.55 4.26 24.43
C LEU B 376 15.24 4.49 25.20
N LYS B 377 15.26 4.18 26.50
CA LYS B 377 14.07 4.26 27.33
C LYS B 377 13.84 5.66 27.88
N THR B 378 14.91 6.44 28.01
CA THR B 378 14.84 7.75 28.64
C THR B 378 14.97 8.91 27.65
N ASN B 379 15.84 8.75 26.66
CA ASN B 379 16.04 9.82 25.67
C ASN B 379 16.10 9.26 24.24
N PRO B 380 14.92 8.87 23.69
CA PRO B 380 14.78 8.20 22.39
C PRO B 380 15.46 8.91 21.20
N ASP B 381 15.52 10.24 21.25
CA ASP B 381 16.04 11.06 20.15
C ASP B 381 17.57 11.22 20.15
N ASP B 382 18.24 10.64 21.13
CA ASP B 382 19.70 10.69 21.23
C ASP B 382 20.36 10.19 19.94
N ARG B 383 21.40 10.88 19.48
CA ARG B 383 22.09 10.51 18.24
C ARG B 383 23.42 9.81 18.51
N ARG B 384 23.65 9.40 19.74
CA ARG B 384 24.87 8.71 20.13
C ARG B 384 24.62 7.24 20.50
N MET B 385 23.44 6.73 20.18
CA MET B 385 23.06 5.38 20.57
C MET B 385 23.67 4.34 19.64
N LEU B 386 24.96 4.14 19.78
CA LEU B 386 25.66 3.17 18.95
C LEU B 386 26.75 2.42 19.71
N PHE B 387 27.09 1.24 19.21
CA PHE B 387 28.17 0.47 19.79
C PHE B 387 29.13 -0.05 18.71
N THR B 388 30.38 -0.25 19.12
CA THR B 388 31.41 -0.71 18.20
C THR B 388 32.16 -1.93 18.75
N ALA B 389 32.66 -2.76 17.85
CA ALA B 389 33.57 -3.84 18.23
C ALA B 389 34.95 -3.55 17.67
N TRP B 390 35.06 -2.46 16.91
CA TRP B 390 36.32 -2.06 16.30
C TRP B 390 37.18 -1.34 17.31
N ASN B 391 38.05 -2.11 17.97
CA ASN B 391 38.94 -1.61 19.00
C ASN B 391 40.38 -1.84 18.58
N PRO B 392 41.00 -0.84 17.91
CA PRO B 392 42.38 -0.92 17.44
C PRO B 392 43.38 -1.40 18.48
N SER B 393 43.13 -1.12 19.76
CA SER B 393 43.98 -1.62 20.85
C SER B 393 43.89 -3.14 21.05
N ALA B 394 42.70 -3.71 20.80
CA ALA B 394 42.43 -5.12 21.07
C ALA B 394 42.49 -6.02 19.84
N LEU B 395 42.53 -5.43 18.65
CA LEU B 395 42.53 -6.19 17.39
C LEU B 395 43.62 -7.27 17.31
N PRO B 396 44.90 -6.91 17.64
CA PRO B 396 45.95 -7.93 17.60
C PRO B 396 45.75 -9.12 18.56
N ARG B 397 44.86 -8.96 19.54
CA ARG B 397 44.59 -10.03 20.50
C ARG B 397 43.32 -10.83 20.15
N MET B 398 42.71 -10.52 19.01
CA MET B 398 41.49 -11.20 18.56
C MET B 398 41.83 -12.27 17.53
N ALA B 399 41.09 -13.37 17.55
CA ALA B 399 41.31 -14.45 16.61
C ALA B 399 41.03 -13.96 15.20
N LEU B 400 40.10 -13.02 15.12
CA LEU B 400 39.59 -12.47 13.88
C LEU B 400 39.13 -11.05 14.21
N PRO B 401 39.52 -10.06 13.39
CA PRO B 401 38.98 -8.71 13.61
C PRO B 401 37.50 -8.64 13.19
N PRO B 402 36.71 -7.77 13.86
CA PRO B 402 35.26 -7.73 13.63
C PRO B 402 34.93 -7.44 12.18
N CYS B 403 33.93 -8.12 11.65
CA CYS B 403 33.46 -7.86 10.32
C CYS B 403 32.26 -6.92 10.39
N HIS B 404 31.23 -7.35 11.11
CA HIS B 404 30.16 -6.46 11.48
C HIS B 404 30.62 -5.73 12.74
N LEU B 405 30.91 -4.44 12.60
CA LEU B 405 31.76 -3.75 13.57
C LEU B 405 31.11 -2.55 14.26
N LEU B 406 29.97 -2.11 13.74
CA LEU B 406 29.27 -0.97 14.30
C LEU B 406 27.78 -1.12 14.06
N ALA B 407 26.99 -0.82 15.10
CA ALA B 407 25.55 -0.69 14.94
C ALA B 407 25.05 0.57 15.65
N GLN B 408 24.10 1.25 15.02
CA GLN B 408 23.51 2.46 15.57
C GLN B 408 21.99 2.28 15.66
N PHE B 409 21.38 2.82 16.73
CA PHE B 409 19.94 2.71 16.94
C PHE B 409 19.18 4.03 16.72
N TYR B 410 17.89 3.93 16.43
CA TYR B 410 17.05 5.08 16.08
C TYR B 410 15.60 4.75 16.41
N VAL B 411 14.90 5.75 16.95
CA VAL B 411 13.53 5.56 17.38
C VAL B 411 12.60 6.53 16.64
N SER B 412 11.53 5.99 16.08
CA SER B 412 10.48 6.81 15.46
C SER B 412 9.15 6.08 15.56
N ASN B 413 8.09 6.82 15.89
CA ASN B 413 6.73 6.27 15.98
C ASN B 413 6.64 5.03 16.86
N GLY B 414 7.41 5.02 17.95
CA GLY B 414 7.45 3.90 18.88
C GLY B 414 8.16 2.67 18.35
N GLU B 415 8.94 2.87 17.28
CA GLU B 415 9.64 1.79 16.59
C GLU B 415 11.15 1.93 16.69
N LEU B 416 11.82 0.82 16.97
CA LEU B 416 13.28 0.80 17.03
C LEU B 416 13.87 0.38 15.70
N SER B 417 14.76 1.22 15.16
CA SER B 417 15.49 0.88 13.95
C SER B 417 16.98 0.74 14.24
N CYS B 418 17.67 0.02 13.36
CA CYS B 418 19.07 -0.27 13.55
C CYS B 418 19.84 -0.21 12.23
N MET B 419 21.00 0.44 12.27
CA MET B 419 21.94 0.48 11.15
C MET B 419 23.21 -0.28 11.49
N LEU B 420 23.50 -1.29 10.70
CA LEU B 420 24.72 -2.07 10.82
C LEU B 420 25.77 -1.61 9.80
N TYR B 421 27.02 -1.46 10.24
CA TYR B 421 28.12 -1.25 9.30
C TYR B 421 28.99 -2.50 9.22
N GLN B 422 29.17 -3.00 8.00
CA GLN B 422 29.98 -4.18 7.76
C GLN B 422 31.09 -3.87 6.75
N ARG B 423 32.33 -3.99 7.21
CA ARG B 423 33.49 -3.62 6.40
C ARG B 423 33.73 -4.57 5.22
N SER B 424 33.38 -5.84 5.41
CA SER B 424 33.67 -6.89 4.44
C SER B 424 32.53 -7.89 4.37
N CYS B 425 31.98 -8.08 3.17
CA CYS B 425 30.70 -8.77 3.03
C CYS B 425 30.74 -9.88 1.97
N ASP B 426 30.84 -11.12 2.44
CA ASP B 426 30.68 -12.31 1.57
C ASP B 426 29.22 -12.48 1.23
N MET B 427 28.86 -12.21 -0.02
CA MET B 427 27.46 -12.16 -0.43
C MET B 427 26.80 -13.52 -0.37
N GLY B 428 27.56 -14.55 -0.78
CA GLY B 428 27.06 -15.91 -0.83
C GLY B 428 26.65 -16.50 0.51
N LEU B 429 27.54 -16.42 1.49
CA LEU B 429 27.31 -17.08 2.78
C LEU B 429 27.22 -16.13 3.98
N GLY B 430 28.13 -15.16 4.05
CA GLY B 430 28.19 -14.25 5.17
C GLY B 430 27.03 -13.27 5.32
N VAL B 431 26.69 -12.58 4.23
CA VAL B 431 25.68 -11.50 4.25
C VAL B 431 24.25 -11.91 4.70
N PRO B 432 23.68 -13.01 4.14
CA PRO B 432 22.36 -13.44 4.61
C PRO B 432 22.33 -13.83 6.10
N PHE B 433 23.46 -14.30 6.60
CA PHE B 433 23.65 -14.66 8.00
C PHE B 433 23.61 -13.40 8.89
N ASN B 434 24.32 -12.36 8.47
CA ASN B 434 24.40 -11.11 9.22
C ASN B 434 23.14 -10.27 9.17
N ILE B 435 22.40 -10.35 8.07
CA ILE B 435 21.07 -9.73 8.01
C ILE B 435 20.20 -10.32 9.12
N ALA B 436 20.14 -11.65 9.16
CA ALA B 436 19.36 -12.38 10.17
C ALA B 436 19.81 -12.02 11.60
N SER B 437 21.13 -11.99 11.78
CA SER B 437 21.76 -11.76 13.07
C SER B 437 21.35 -10.40 13.66
N TYR B 438 21.46 -9.35 12.85
CA TYR B 438 21.11 -8.01 13.31
C TYR B 438 19.61 -7.73 13.28
N ALA B 439 18.87 -8.54 12.52
CA ALA B 439 17.41 -8.51 12.57
C ALA B 439 16.97 -8.95 13.95
N LEU B 440 17.57 -10.05 14.43
CA LEU B 440 17.32 -10.59 15.77
C LEU B 440 17.72 -9.59 16.84
N LEU B 441 18.88 -8.98 16.70
CA LEU B 441 19.40 -8.03 17.67
C LEU B 441 18.40 -6.89 17.93
N THR B 442 17.95 -6.28 16.84
CA THR B 442 17.00 -5.19 16.86
C THR B 442 15.67 -5.59 17.50
N ILE B 443 15.21 -6.81 17.19
CA ILE B 443 13.99 -7.34 17.81
C ILE B 443 14.16 -7.44 19.33
N LEU B 444 15.28 -8.01 19.77
CA LEU B 444 15.56 -8.18 21.20
C LEU B 444 15.73 -6.85 21.94
N ILE B 445 16.40 -5.89 21.31
CA ILE B 445 16.61 -4.58 21.93
C ILE B 445 15.29 -3.82 22.07
N ALA B 446 14.41 -3.95 21.07
CA ALA B 446 13.07 -3.38 21.13
C ALA B 446 12.29 -3.95 22.32
N LYS B 447 12.36 -5.27 22.50
CA LYS B 447 11.73 -5.95 23.63
C LYS B 447 12.29 -5.48 24.98
N ALA B 448 13.59 -5.17 25.00
CA ALA B 448 14.24 -4.68 26.22
C ALA B 448 13.93 -3.21 26.53
N THR B 449 13.40 -2.49 25.54
CA THR B 449 13.26 -1.03 25.64
C THR B 449 11.84 -0.51 25.51
N GLY B 450 10.87 -1.41 25.38
CA GLY B 450 9.46 -1.01 25.31
C GLY B 450 9.02 -0.51 23.95
N LEU B 451 9.78 -0.89 22.91
CA LEU B 451 9.47 -0.48 21.55
C LEU B 451 9.07 -1.67 20.69
N ARG B 452 8.54 -1.37 19.50
CA ARG B 452 8.29 -2.39 18.47
C ARG B 452 9.40 -2.33 17.44
N PRO B 453 9.77 -3.49 16.88
CA PRO B 453 10.78 -3.51 15.83
C PRO B 453 10.36 -2.65 14.62
N GLY B 454 11.32 -1.92 14.07
CA GLY B 454 11.09 -1.11 12.88
C GLY B 454 11.82 -1.67 11.68
N GLU B 455 12.97 -1.08 11.39
CA GLU B 455 13.73 -1.37 10.18
C GLU B 455 15.15 -1.76 10.50
N LEU B 456 15.71 -2.68 9.72
CA LEU B 456 17.14 -2.92 9.69
C LEU B 456 17.69 -2.20 8.47
N VAL B 457 18.73 -1.40 8.69
CA VAL B 457 19.51 -0.81 7.60
C VAL B 457 20.89 -1.44 7.64
N HIS B 458 21.36 -1.84 6.46
CA HIS B 458 22.59 -2.62 6.36
C HIS B 458 23.53 -1.92 5.39
N THR B 459 24.63 -1.42 5.91
CA THR B 459 25.65 -0.77 5.11
C THR B 459 26.83 -1.71 4.90
N LEU B 460 27.18 -1.86 3.63
CA LEU B 460 28.20 -2.79 3.20
C LEU B 460 29.42 -2.03 2.72
N GLY B 461 30.61 -2.52 3.06
CA GLY B 461 31.84 -1.94 2.55
C GLY B 461 32.30 -2.70 1.32
N ASP B 462 33.34 -3.51 1.50
CA ASP B 462 33.84 -4.39 0.46
C ASP B 462 32.87 -5.57 0.31
N ALA B 463 31.93 -5.45 -0.60
CA ALA B 463 30.95 -6.51 -0.86
C ALA B 463 31.42 -7.41 -2.00
N HIS B 464 31.59 -8.69 -1.71
CA HIS B 464 32.23 -9.58 -2.68
C HIS B 464 31.55 -10.94 -2.82
N VAL B 465 31.75 -11.55 -3.99
CA VAL B 465 31.38 -12.93 -4.25
C VAL B 465 32.67 -13.69 -4.60
N TYR B 466 32.91 -14.80 -3.90
CA TYR B 466 34.09 -15.65 -4.15
C TYR B 466 34.00 -16.31 -5.51
N SER B 467 35.17 -16.48 -6.14
CA SER B 467 35.28 -17.19 -7.42
C SER B 467 34.44 -18.47 -7.44
N ASN B 468 34.54 -19.26 -6.38
CA ASN B 468 33.84 -20.55 -6.27
C ASN B 468 32.32 -20.41 -6.12
N HIS B 469 31.86 -19.20 -5.85
CA HIS B 469 30.42 -18.95 -5.65
C HIS B 469 29.75 -18.33 -6.87
N VAL B 470 30.54 -17.92 -7.86
CA VAL B 470 29.99 -17.25 -9.04
C VAL B 470 28.89 -18.07 -9.71
N GLU B 471 29.19 -19.31 -10.09
CA GLU B 471 28.23 -20.19 -10.77
C GLU B 471 26.97 -20.50 -9.93
N PRO B 472 27.14 -20.99 -8.67
CA PRO B 472 25.96 -21.18 -7.82
C PRO B 472 25.14 -19.89 -7.59
N CYS B 473 25.82 -18.78 -7.31
CA CYS B 473 25.14 -17.49 -7.15
C CYS B 473 24.37 -17.09 -8.39
N ASN B 474 24.95 -17.37 -9.56
CA ASN B 474 24.31 -17.03 -10.82
C ASN B 474 23.02 -17.82 -11.07
N GLU B 475 23.01 -19.08 -10.61
CA GLU B 475 21.81 -19.93 -10.71
C GLU B 475 20.73 -19.48 -9.72
N GLN B 476 21.17 -19.13 -8.51
CA GLN B 476 20.29 -18.59 -7.46
C GLN B 476 19.57 -17.33 -7.93
N LEU B 477 20.20 -16.60 -8.84
CA LEU B 477 19.61 -15.36 -9.40
C LEU B 477 18.36 -15.61 -10.23
N LYS B 478 18.18 -16.84 -10.71
CA LYS B 478 17.00 -17.25 -11.46
C LYS B 478 15.77 -17.43 -10.56
N ARG B 479 16.01 -17.62 -9.26
CA ARG B 479 14.94 -17.93 -8.32
C ARG B 479 14.20 -16.66 -7.90
N VAL B 480 12.89 -16.70 -7.97
CA VAL B 480 12.04 -15.58 -7.54
C VAL B 480 11.94 -15.58 -6.00
N PRO B 481 12.33 -14.46 -5.37
CA PRO B 481 12.21 -14.38 -3.91
C PRO B 481 10.78 -14.60 -3.41
N ARG B 482 10.66 -15.39 -2.36
CA ARG B 482 9.38 -15.64 -1.71
C ARG B 482 9.17 -14.69 -0.52
N ALA B 483 7.96 -14.66 0.02
CA ALA B 483 7.66 -13.92 1.24
C ALA B 483 8.54 -14.37 2.40
N PHE B 484 8.94 -13.42 3.23
CA PHE B 484 9.78 -13.71 4.39
C PHE B 484 8.99 -14.45 5.48
N PRO B 485 9.71 -15.21 6.34
CA PRO B 485 9.12 -15.85 7.52
C PRO B 485 8.81 -14.88 8.67
N TYR B 486 8.47 -15.44 9.83
CA TYR B 486 8.12 -14.66 11.02
C TYR B 486 8.82 -15.22 12.25
N LEU B 487 9.14 -14.34 13.20
CA LEU B 487 9.73 -14.77 14.47
C LEU B 487 8.74 -14.54 15.60
N VAL B 488 8.43 -15.62 16.32
CA VAL B 488 7.54 -15.57 17.47
C VAL B 488 8.26 -16.06 18.73
N PHE B 489 7.92 -15.46 19.87
CA PHE B 489 8.54 -15.83 21.14
C PHE B 489 7.60 -16.72 21.96
N ARG B 490 8.05 -17.95 22.18
CA ARG B 490 7.28 -18.96 22.91
C ARG B 490 7.29 -18.70 24.41
N ARG B 491 8.39 -18.15 24.92
CA ARG B 491 8.48 -17.73 26.31
C ARG B 491 9.35 -16.48 26.44
N GLU B 492 9.28 -15.83 27.61
CA GLU B 492 10.07 -14.64 27.86
C GLU B 492 11.07 -14.85 29.00
N ARG B 493 11.93 -13.86 29.22
CA ARG B 493 12.96 -13.94 30.26
C ARG B 493 13.02 -12.63 31.05
N GLU B 494 13.56 -12.71 32.26
CA GLU B 494 13.68 -11.57 33.15
C GLU B 494 14.85 -10.66 32.74
N PHE B 495 15.89 -11.29 32.20
CA PHE B 495 17.06 -10.57 31.71
C PHE B 495 17.32 -10.90 30.25
N LEU B 496 17.79 -9.90 29.51
CA LEU B 496 18.11 -10.05 28.09
C LEU B 496 19.09 -11.21 27.83
N GLU B 497 20.11 -11.33 28.69
CA GLU B 497 21.16 -12.32 28.53
C GLU B 497 20.69 -13.76 28.76
N ASP B 498 19.49 -13.90 29.35
CA ASP B 498 18.95 -15.21 29.69
C ASP B 498 18.26 -15.87 28.51
N TYR B 499 18.06 -15.12 27.43
CA TYR B 499 17.36 -15.65 26.27
C TYR B 499 18.09 -16.82 25.63
N GLU B 500 17.31 -17.81 25.23
CA GLU B 500 17.83 -19.03 24.64
C GLU B 500 17.17 -19.23 23.28
N GLU B 501 17.86 -19.96 22.40
CA GLU B 501 17.36 -20.22 21.06
C GLU B 501 15.99 -20.90 21.10
N GLY B 502 15.79 -21.78 22.08
CA GLY B 502 14.51 -22.48 22.28
C GLY B 502 13.34 -21.60 22.69
N ASP B 503 13.63 -20.35 23.08
CA ASP B 503 12.60 -19.41 23.50
C ASP B 503 11.83 -18.81 22.32
N MET B 504 12.38 -18.96 21.12
CA MET B 504 11.77 -18.41 19.92
C MET B 504 11.73 -19.42 18.77
N GLU B 505 10.78 -19.23 17.86
CA GLU B 505 10.60 -20.08 16.69
C GLU B 505 10.39 -19.28 15.41
N VAL B 506 10.99 -19.75 14.33
CA VAL B 506 10.76 -19.19 13.00
C VAL B 506 9.63 -19.97 12.33
N ILE B 507 8.59 -19.24 11.92
CA ILE B 507 7.43 -19.86 11.31
C ILE B 507 7.24 -19.45 9.84
N ASP B 508 6.76 -20.39 9.04
CA ASP B 508 6.43 -20.16 7.63
C ASP B 508 7.65 -19.77 6.79
N TYR B 509 8.81 -20.32 7.15
CA TYR B 509 10.03 -20.21 6.37
C TYR B 509 10.02 -21.29 5.30
N ALA B 510 9.89 -20.88 4.05
CA ALA B 510 9.84 -21.82 2.92
C ALA B 510 10.89 -21.49 1.87
N PRO B 511 12.18 -21.71 2.20
CA PRO B 511 13.22 -21.38 1.25
C PRO B 511 13.31 -22.39 0.10
N TYR B 512 13.97 -21.98 -0.99
CA TYR B 512 14.26 -22.87 -2.12
C TYR B 512 15.23 -23.96 -1.68
N PRO B 513 15.20 -25.12 -2.35
CA PRO B 513 16.13 -26.21 -2.02
C PRO B 513 17.58 -25.88 -2.40
N PRO B 514 18.56 -26.68 -1.91
CA PRO B 514 19.99 -26.53 -2.23
C PRO B 514 20.32 -26.08 -3.67
N ILE B 515 21.39 -25.30 -3.78
CA ILE B 515 21.88 -24.81 -5.06
C ILE B 515 22.64 -25.91 -5.82
PA NAP C . -14.74 6.36 20.44
O1A NAP C . -14.82 7.82 20.69
O2A NAP C . -13.97 6.05 19.21
O5B NAP C . -16.20 5.74 20.35
C5B NAP C . -16.37 4.35 20.22
C4B NAP C . -17.85 4.06 20.15
O4B NAP C . -18.36 4.34 18.86
C3B NAP C . -18.18 2.59 20.42
O3B NAP C . -18.30 2.33 21.79
C2B NAP C . -19.47 2.42 19.65
O2B NAP C . -20.57 2.95 20.36
C1B NAP C . -19.27 3.34 18.44
N9A NAP C . -18.70 2.53 17.34
C8A NAP C . -17.43 2.66 16.81
N7A NAP C . -17.28 1.74 15.83
C5A NAP C . -18.41 1.01 15.74
C6A NAP C . -18.78 -0.04 14.90
N6A NAP C . -17.87 -0.63 14.14
N1A NAP C . -20.05 -0.59 15.03
C2A NAP C . -20.93 -0.09 15.97
N3A NAP C . -20.56 0.96 16.78
C4A NAP C . -19.32 1.51 16.67
O3 NAP C . -14.11 5.62 21.72
PN NAP C . -12.54 5.40 21.90
O1N NAP C . -12.35 4.69 23.19
O2N NAP C . -12.00 4.82 20.66
O5D NAP C . -11.99 6.91 22.05
C5D NAP C . -12.44 7.76 23.08
C4D NAP C . -11.29 8.67 23.52
O4D NAP C . -10.74 9.39 22.42
C3D NAP C . -11.77 9.72 24.52
O3D NAP C . -10.83 9.80 25.56
C2D NAP C . -11.77 11.00 23.71
O2D NAP C . -11.59 12.14 24.52
C1D NAP C . -10.60 10.74 22.78
N1N NAP C . -10.55 11.64 21.60
C2N NAP C . -9.40 12.34 21.37
C3N NAP C . -9.29 13.26 20.33
C7N NAP C . -8.00 14.01 20.11
O7N NAP C . -7.91 14.90 19.03
N7N NAP C . -6.98 13.85 20.95
C4N NAP C . -10.44 13.50 19.38
C5N NAP C . -11.65 12.66 19.72
C6N NAP C . -11.65 11.78 20.79
P2B NAP C . -21.47 2.10 21.40
O1X NAP C . -22.72 2.89 21.67
O2X NAP C . -21.82 0.76 20.79
O3X NAP C . -20.72 1.91 22.71
OP3 DU D . -2.70 22.70 -34.24
P DU D . -1.48 22.98 -33.45
OP1 DU D . -0.48 23.77 -34.26
OP2 DU D . -0.86 21.67 -33.01
O5' DU D . -1.85 23.83 -32.14
C5' DU D . -2.64 23.26 -31.12
C4' DU D . -2.24 23.84 -29.77
O4' DU D . -3.31 23.75 -28.86
C3' DU D . -1.08 23.07 -29.16
O3' DU D . -0.20 23.97 -28.52
C2' DU D . -1.70 22.17 -28.12
C1' DU D . -3.02 22.85 -27.78
N1 DU D . -4.14 21.91 -27.56
C2 DU D . -4.13 20.99 -26.50
O2 DU D . -3.16 20.92 -25.74
N3 DU D . -5.20 20.14 -26.32
C4 DU D . -6.29 20.19 -27.17
O4 DU D . -7.24 19.43 -27.00
C5 DU D . -6.31 21.11 -28.21
C6 DU D . -5.24 21.96 -28.39
PA NAP E . -18.48 -20.68 2.08
O1A NAP E . -17.27 -21.54 2.02
O2A NAP E . -19.66 -21.55 2.13
O5B NAP E . -18.45 -19.71 3.35
C5B NAP E . -19.62 -19.09 3.82
C4B NAP E . -20.03 -19.71 5.16
O4B NAP E . -18.91 -19.77 6.04
C3B NAP E . -21.10 -18.89 5.88
O3B NAP E . -22.39 -19.37 5.62
C2B NAP E . -20.71 -19.03 7.34
O2B NAP E . -21.24 -20.20 7.91
C1B NAP E . -19.20 -19.21 7.30
N9A NAP E . -18.53 -17.90 7.47
C8A NAP E . -17.82 -17.21 6.52
N7A NAP E . -17.37 -16.05 7.05
C5A NAP E . -17.78 -15.98 8.33
C6A NAP E . -17.61 -15.01 9.31
N6A NAP E . -17.19 -13.79 8.97
N1A NAP E . -18.17 -15.21 10.56
C2A NAP E . -18.89 -16.36 10.83
N3A NAP E . -19.06 -17.31 9.85
C4A NAP E . -18.52 -17.14 8.61
O3 NAP E . -18.53 -19.66 0.84
PN NAP E . -19.56 -19.74 -0.40
O1N NAP E . -19.33 -18.51 -1.20
O2N NAP E . -20.94 -20.01 0.08
O5D NAP E . -19.06 -20.98 -1.30
C5D NAP E . -19.60 -22.28 -1.11
C4D NAP E . -19.52 -23.10 -2.39
O4D NAP E . -18.45 -22.71 -3.23
C3D NAP E . -19.31 -24.56 -2.03
O3D NAP E . -20.51 -25.28 -2.23
C2D NAP E . -18.17 -25.05 -2.93
O2D NAP E . -18.59 -26.07 -3.80
C1D NAP E . -17.74 -23.82 -3.72
N1N NAP E . -16.27 -23.61 -3.58
C2N NAP E . -15.46 -23.69 -4.68
C3N NAP E . -14.07 -23.78 -4.59
C7N NAP E . -13.20 -23.86 -5.82
O7N NAP E . -11.81 -23.95 -5.68
N7N NAP E . -13.78 -23.84 -7.02
C4N NAP E . -13.38 -23.78 -3.23
C5N NAP E . -14.36 -23.69 -2.09
C6N NAP E . -15.73 -23.60 -2.31
P2B NAP E . -22.61 -20.25 8.75
O1X NAP E . -22.72 -21.63 9.34
O2X NAP E . -22.59 -19.21 9.85
O3X NAP E . -23.80 -20.01 7.84
OP3 DU F . 38.84 -10.48 7.23
P DU F . 38.53 -10.67 5.79
OP1 DU F . 39.79 -10.62 4.97
OP2 DU F . 37.58 -9.57 5.35
O5' DU F . 37.80 -12.09 5.56
C5' DU F . 36.53 -12.33 6.15
C4' DU F . 35.59 -12.95 5.12
O4' DU F . 34.42 -13.49 5.73
C3' DU F . 35.10 -11.93 4.11
O3' DU F . 35.09 -12.54 2.84
C2' DU F . 33.69 -11.59 4.51
C1' DU F . 33.25 -12.83 5.29
N1 DU F . 32.35 -12.53 6.42
C2 DU F . 31.02 -12.09 6.23
O2 DU F . 30.55 -11.91 5.11
N3 DU F . 30.22 -11.85 7.33
C4 DU F . 30.71 -12.03 8.61
O4 DU F . 29.98 -11.81 9.59
C5 DU F . 32.01 -12.48 8.81
C6 DU F . 32.82 -12.72 7.70
#